data_5TIQ
#
_entry.id   5TIQ
#
_cell.length_a   188.763
_cell.length_b   188.763
_cell.length_c   188.763
_cell.angle_alpha   90.00
_cell.angle_beta   90.00
_cell.angle_gamma   90.00
#
_symmetry.space_group_name_H-M   'P 41 3 2'
#
loop_
_entity.id
_entity.type
_entity.pdbx_description
1 polymer 'Major capsid protein'
2 branched 6-deoxy-2,3-di-O-methyl-alpha-L-mannopyranose-(1-2)-beta-L-rhamnopyranose-(1-4)-beta-D-xylopyranose-(1-4)-[alpha-D-mannopyranose-(1-3)-alpha-D-rhamnopyranose-(1-3)][alpha-D-galactopyranose-(1-2)]alpha-L-fucopyranose-(1-3)-[beta-D-xylopyranose-(1-4)]beta-D-glucopyranose
3 branched alpha-D-mannopyranose-(1-3)-alpha-D-rhamnopyranose-(1-3)-[alpha-D-galactopyranose-(1-2)][beta-D-xylopyranose-(1-4)]alpha-L-fucopyranose-(1-3)-[beta-D-xylopyranose-(1-4)]beta-D-glucopyranose
4 branched alpha-L-fucopyranose-(1-3)-beta-D-glucopyranose
5 non-polymer 'MERCURY (II) ION'
6 water water
#
_entity_poly.entity_id   1
_entity_poly.type   'polypeptide(L)'
_entity_poly.pdbx_seq_one_letter_code
;AGGLSQLVAYGAQDVYLTGNPQITFFKTVYRRYTNFAIESIQQTINGSVGFGNKVSTQISRNGDLITDIVVEFVLTKGGN
GGTTYYPAEELLQDVELEIGGQRIDKHYNDWFRTYDALFRMNDDRYNYRRMTDWVNNELVGAQKRFYVPLIFFFNQTPGL
ALPLIALQYHEVKLYFTLASQVQGVNYNGSSAIAGAAQPTMSVWVDYIFLDTQERTRFAQLPHEYLIEQLQFTGSETATP
SATTQASQNIRLNFNHPTKYLAWNFNNPTNYGQYTALANIPGACSGAGTAAATVTTPDYGNTGTYNEQLAVLDSAKIQLN
GQDRFATRKGSYFNKVQPYQSIGGVTPAGVYLYSFALKPAGRQPSGTCNFSRIDNATLSLTYKTCSIDATSPAAVLGNTE
TVTANTATLLTALNIYAKNYNVLRIMSGMGGLAYAN
;
_entity_poly.pdbx_strand_id   A,B
#
loop_
_chem_comp.id
_chem_comp.type
_chem_comp.name
_chem_comp.formula
7CV L-saccharide, alpha linking 6-deoxy-2,3-di-O-methyl-alpha-L-mannopyranose 'C8 H16 O5'
BGC D-saccharide, beta linking beta-D-glucopyranose 'C6 H12 O6'
FUC L-saccharide, alpha linking alpha-L-fucopyranose 'C6 H12 O5'
GLA D-saccharide, alpha linking alpha-D-galactopyranose 'C6 H12 O6'
HG non-polymer 'MERCURY (II) ION' 'Hg 2'
MAN D-saccharide, alpha linking alpha-D-mannopyranose 'C6 H12 O6'
RM4 L-saccharide, beta linking beta-L-rhamnopyranose 'C6 H12 O5'
XXR D-saccharide, alpha linking alpha-D-rhamnopyranose 'C6 H12 O5'
XYP D-saccharide, beta linking beta-D-xylopyranose 'C5 H10 O5'
#
# COMPACT_ATOMS: atom_id res chain seq x y z
N ALA A 1 18.94 -4.83 43.05
CA ALA A 1 17.63 -5.40 43.34
C ALA A 1 16.46 -4.58 42.85
N GLY A 2 15.29 -5.19 42.98
CA GLY A 2 14.05 -4.55 42.67
C GLY A 2 13.96 -4.34 41.17
N GLY A 3 13.47 -3.17 40.78
CA GLY A 3 13.32 -2.90 39.36
C GLY A 3 14.63 -3.03 38.60
N LEU A 4 15.73 -2.56 39.19
CA LEU A 4 16.97 -2.48 38.42
C LEU A 4 17.51 -3.86 38.08
N SER A 5 17.26 -4.86 38.93
CA SER A 5 17.76 -6.19 38.65
C SER A 5 17.05 -6.85 37.47
N GLN A 6 15.82 -6.43 37.17
CA GLN A 6 15.11 -6.96 36.01
C GLN A 6 15.65 -6.41 34.71
N LEU A 7 16.06 -5.13 34.70
CA LEU A 7 16.67 -4.55 33.50
C LEU A 7 17.91 -5.32 33.06
N VAL A 8 18.69 -5.80 34.02
CA VAL A 8 19.92 -6.51 33.69
C VAL A 8 19.62 -7.89 33.12
N ALA A 9 18.46 -8.46 33.45
CA ALA A 9 18.05 -9.75 32.89
C ALA A 9 17.67 -9.61 31.42
N TYR A 10 18.68 -9.42 30.57
CA TYR A 10 18.49 -9.18 29.15
C TYR A 10 19.09 -10.32 28.35
N GLY A 11 18.39 -10.76 27.30
CA GLY A 11 18.82 -11.90 26.52
C GLY A 11 18.52 -11.72 25.05
N ALA A 12 18.84 -12.76 24.28
CA ALA A 12 18.65 -12.73 22.83
C ALA A 12 17.17 -12.63 22.47
N GLN A 13 16.28 -13.17 23.29
CA GLN A 13 14.85 -13.09 22.98
C GLN A 13 14.30 -11.67 23.09
N ASP A 14 15.00 -10.78 23.80
CA ASP A 14 14.53 -9.40 23.91
C ASP A 14 14.78 -8.59 22.64
N VAL A 15 15.52 -9.13 21.68
CA VAL A 15 15.82 -8.39 20.46
C VAL A 15 14.55 -8.13 19.66
N TYR A 16 13.62 -9.09 19.66
CA TYR A 16 12.36 -8.90 18.94
C TYR A 16 11.46 -7.87 19.62
N LEU A 17 11.68 -7.58 20.90
CA LEU A 17 10.80 -6.68 21.65
C LEU A 17 11.39 -5.29 21.83
N THR A 18 12.66 -5.21 22.23
CA THR A 18 13.26 -3.93 22.58
C THR A 18 14.55 -3.61 21.84
N GLY A 19 14.99 -4.48 20.93
CA GLY A 19 16.21 -4.22 20.19
C GLY A 19 16.04 -3.08 19.21
N ASN A 20 16.89 -2.05 19.34
CA ASN A 20 16.79 -0.81 18.55
C ASN A 20 15.38 -0.24 18.65
N PRO A 21 15.06 0.45 19.73
CA PRO A 21 13.67 0.89 19.94
C PRO A 21 13.22 1.87 18.86
N GLN A 22 11.95 1.77 18.50
CA GLN A 22 11.30 2.69 17.58
C GLN A 22 10.39 3.69 18.30
N ILE A 23 9.72 3.24 19.37
CA ILE A 23 8.82 4.07 20.14
C ILE A 23 9.24 4.02 21.60
N THR A 24 8.71 4.95 22.38
CA THR A 24 8.82 4.93 23.83
C THR A 24 7.43 5.19 24.40
N PHE A 25 7.12 4.51 25.51
CA PHE A 25 5.83 4.68 26.16
C PHE A 25 5.80 5.86 27.12
N PHE A 26 6.93 6.53 27.35
CA PHE A 26 7.04 7.51 28.42
C PHE A 26 7.31 8.92 27.90
N LYS A 27 7.05 9.17 26.61
CA LYS A 27 7.20 10.53 26.09
C LYS A 27 6.28 10.68 24.87
N THR A 28 4.99 10.87 25.14
CA THR A 28 4.00 11.01 24.09
C THR A 28 4.05 12.43 23.50
N VAL A 29 4.12 12.51 22.18
CA VAL A 29 4.07 13.79 21.46
C VAL A 29 2.65 13.96 20.93
N TYR A 30 1.93 14.94 21.46
CA TYR A 30 0.55 15.17 21.06
C TYR A 30 0.49 16.01 19.80
N ARG A 31 -0.53 15.75 18.99
CA ARG A 31 -0.69 16.44 17.73
C ARG A 31 -1.38 17.78 17.94
N ARG A 32 -0.93 18.80 17.19
CA ARG A 32 -1.62 20.08 17.17
C ARG A 32 -2.71 20.05 16.09
N TYR A 33 -3.85 20.66 16.39
CA TYR A 33 -5.02 20.57 15.56
C TYR A 33 -5.51 21.95 15.16
N THR A 34 -6.49 21.98 14.25
CA THR A 34 -7.07 23.24 13.81
C THR A 34 -8.03 23.78 14.86
N ASN A 35 -7.94 25.08 15.11
CA ASN A 35 -8.78 25.72 16.11
C ASN A 35 -10.25 25.71 15.67
N PHE A 36 -11.14 25.55 16.64
CA PHE A 36 -12.57 25.47 16.33
C PHE A 36 -13.37 25.73 17.60
N ALA A 37 -14.69 25.80 17.43
CA ALA A 37 -15.63 25.96 18.53
C ALA A 37 -16.92 25.26 18.18
N ILE A 38 -17.62 24.80 19.21
CA ILE A 38 -18.88 24.06 19.05
C ILE A 38 -20.01 24.86 19.66
N GLU A 39 -21.17 24.86 18.99
CA GLU A 39 -22.36 25.48 19.53
C GLU A 39 -23.59 24.68 19.11
N SER A 40 -24.39 24.27 20.09
CA SER A 40 -25.66 23.61 19.84
C SER A 40 -26.74 24.67 19.67
N ILE A 41 -27.39 24.68 18.51
CA ILE A 41 -28.30 25.76 18.13
C ILE A 41 -29.65 25.16 17.75
N GLN A 42 -30.73 25.73 18.27
CA GLN A 42 -32.06 25.19 18.04
C GLN A 42 -32.54 25.51 16.63
N GLN A 43 -33.26 24.56 16.04
CA GLN A 43 -33.78 24.66 14.69
C GLN A 43 -35.27 25.01 14.70
N THR A 44 -35.76 25.43 13.54
CA THR A 44 -37.18 25.68 13.35
C THR A 44 -37.84 24.43 12.79
N ILE A 45 -39.00 24.08 13.35
CA ILE A 45 -39.76 22.91 12.95
C ILE A 45 -40.97 23.39 12.16
N ASN A 46 -41.07 22.94 10.92
CA ASN A 46 -42.19 23.30 10.06
C ASN A 46 -43.26 22.20 10.13
N GLY A 47 -44.50 22.60 10.37
CA GLY A 47 -45.60 21.68 10.53
C GLY A 47 -46.04 21.58 11.98
N SER A 48 -47.20 20.95 12.15
CA SER A 48 -47.82 20.82 13.47
C SER A 48 -47.26 19.59 14.18
N VAL A 49 -46.72 19.78 15.37
CA VAL A 49 -46.18 18.68 16.15
C VAL A 49 -47.33 17.95 16.83
N GLY A 50 -47.47 16.66 16.53
CA GLY A 50 -48.51 15.85 17.13
C GLY A 50 -48.35 14.41 16.73
N PHE A 51 -49.07 13.55 17.43
CA PHE A 51 -49.06 12.12 17.12
C PHE A 51 -49.50 11.88 15.68
N GLY A 52 -48.74 11.08 14.94
CA GLY A 52 -49.09 10.76 13.58
C GLY A 52 -48.87 11.86 12.57
N ASN A 53 -48.19 12.95 12.94
CA ASN A 53 -47.97 14.07 12.05
C ASN A 53 -46.56 14.02 11.46
N LYS A 54 -46.42 14.58 10.26
CA LYS A 54 -45.13 14.73 9.60
C LYS A 54 -44.65 16.16 9.74
N VAL A 55 -43.43 16.34 10.25
CA VAL A 55 -42.82 17.65 10.38
C VAL A 55 -41.43 17.60 9.74
N SER A 56 -40.92 18.78 9.42
CA SER A 56 -39.63 18.88 8.74
C SER A 56 -38.84 20.05 9.31
N THR A 57 -37.54 20.05 9.02
CA THR A 57 -36.63 21.08 9.48
C THR A 57 -35.57 21.31 8.41
N GLN A 58 -35.37 22.57 8.03
CA GLN A 58 -34.27 22.96 7.16
C GLN A 58 -33.15 23.54 8.03
N ILE A 59 -31.99 22.88 8.03
CA ILE A 59 -30.90 23.26 8.90
C ILE A 59 -30.46 24.68 8.58
N SER A 60 -30.46 25.55 9.58
CA SER A 60 -30.00 26.92 9.40
C SER A 60 -28.48 26.93 9.25
N ARG A 61 -27.98 27.97 8.59
CA ARG A 61 -26.56 28.05 8.23
C ARG A 61 -25.81 28.98 9.19
N ASN A 62 -25.78 28.59 10.45
CA ASN A 62 -25.10 29.38 11.48
C ASN A 62 -23.61 29.10 11.49
N GLY A 63 -23.20 27.85 11.33
CA GLY A 63 -21.81 27.50 11.41
C GLY A 63 -21.25 26.90 10.13
N ASP A 64 -20.01 26.44 10.19
CA ASP A 64 -19.33 25.91 9.01
C ASP A 64 -19.61 24.43 8.80
N LEU A 65 -19.60 23.64 9.87
CA LEU A 65 -19.90 22.22 9.83
C LEU A 65 -20.98 21.90 10.84
N ILE A 66 -21.66 20.78 10.65
CA ILE A 66 -22.62 20.27 11.62
C ILE A 66 -22.25 18.85 11.98
N THR A 67 -22.47 18.49 13.25
CA THR A 67 -22.17 17.15 13.72
C THR A 67 -23.39 16.50 14.37
N ASP A 68 -23.44 16.53 15.70
CA ASP A 68 -24.52 15.85 16.42
C ASP A 68 -25.85 16.58 16.22
N ILE A 69 -26.93 15.79 16.18
CA ILE A 69 -28.29 16.31 16.13
C ILE A 69 -29.13 15.52 17.12
N VAL A 70 -29.87 16.23 17.96
CA VAL A 70 -30.68 15.62 19.00
C VAL A 70 -32.10 16.15 18.87
N VAL A 71 -33.08 15.24 18.95
CA VAL A 71 -34.48 15.60 18.99
C VAL A 71 -34.96 15.53 20.43
N GLU A 72 -35.53 16.62 20.92
CA GLU A 72 -36.04 16.69 22.29
C GLU A 72 -37.55 16.49 22.29
N PHE A 73 -38.02 15.56 23.13
CA PHE A 73 -39.44 15.32 23.33
C PHE A 73 -39.79 15.53 24.80
N VAL A 74 -40.95 16.11 25.05
CA VAL A 74 -41.55 16.18 26.38
C VAL A 74 -42.82 15.37 26.35
N LEU A 75 -42.90 14.36 27.22
CA LEU A 75 -44.03 13.44 27.25
C LEU A 75 -44.52 13.28 28.68
N THR A 76 -45.76 12.80 28.81
CA THR A 76 -46.38 12.53 30.09
C THR A 76 -46.86 11.08 30.12
N LYS A 77 -46.49 10.37 31.18
CA LYS A 77 -46.91 8.98 31.34
C LYS A 77 -48.43 8.89 31.47
N GLY A 78 -48.97 7.75 31.04
CA GLY A 78 -50.38 7.45 31.25
C GLY A 78 -50.57 6.21 32.09
N GLY A 79 -49.46 5.57 32.46
CA GLY A 79 -49.51 4.35 33.25
C GLY A 79 -48.46 4.39 34.35
N ASN A 80 -48.38 3.29 35.09
CA ASN A 80 -47.47 3.21 36.23
C ASN A 80 -46.17 2.52 35.84
N GLY A 81 -45.54 1.84 36.80
CA GLY A 81 -44.23 1.27 36.56
C GLY A 81 -44.25 0.17 35.51
N GLY A 82 -43.27 0.23 34.61
CA GLY A 82 -43.12 -0.80 33.61
C GLY A 82 -44.15 -0.82 32.51
N THR A 83 -44.84 0.30 32.28
CA THR A 83 -45.85 0.38 31.23
C THR A 83 -45.37 1.15 30.01
N THR A 84 -44.08 1.50 29.96
CA THR A 84 -43.49 2.13 28.80
C THR A 84 -42.25 1.36 28.38
N TYR A 85 -41.94 1.41 27.09
CA TYR A 85 -40.76 0.75 26.54
C TYR A 85 -40.21 1.64 25.43
N TYR A 86 -39.19 2.43 25.75
CA TYR A 86 -38.59 3.37 24.82
C TYR A 86 -39.62 4.23 24.08
N PRO A 87 -40.45 4.99 24.82
CA PRO A 87 -41.50 5.77 24.13
C PRO A 87 -40.96 6.87 23.24
N ALA A 88 -39.91 7.57 23.68
CA ALA A 88 -39.34 8.62 22.84
C ALA A 88 -38.74 8.05 21.57
N GLU A 89 -38.15 6.85 21.64
CA GLU A 89 -37.59 6.22 20.45
C GLU A 89 -38.70 5.84 19.48
N GLU A 90 -39.75 5.18 19.98
CA GLU A 90 -40.86 4.81 19.11
C GLU A 90 -41.54 6.03 18.50
N LEU A 91 -41.60 7.14 19.26
CA LEU A 91 -42.30 8.33 18.77
C LEU A 91 -41.67 8.85 17.49
N LEU A 92 -40.33 8.78 17.38
CA LEU A 92 -39.63 9.16 16.17
C LEU A 92 -39.70 7.98 15.20
N GLN A 93 -40.85 7.85 14.54
CA GLN A 93 -41.14 6.67 13.75
C GLN A 93 -40.14 6.50 12.62
N ASP A 94 -39.81 7.59 11.91
CA ASP A 94 -38.77 7.55 10.89
C ASP A 94 -38.25 8.96 10.67
N VAL A 95 -36.98 9.04 10.27
CA VAL A 95 -36.30 10.31 10.06
C VAL A 95 -35.48 10.21 8.79
N GLU A 96 -35.64 11.19 7.90
CA GLU A 96 -35.01 11.18 6.58
C GLU A 96 -34.04 12.33 6.46
N LEU A 97 -32.83 12.04 5.98
CA LEU A 97 -31.81 13.05 5.71
C LEU A 97 -31.77 13.34 4.22
N GLU A 98 -31.89 14.62 3.87
CA GLU A 98 -32.00 15.05 2.48
C GLU A 98 -31.04 16.21 2.24
N ILE A 99 -30.28 16.14 1.16
CA ILE A 99 -29.34 17.20 0.77
C ILE A 99 -29.66 17.60 -0.65
N GLY A 100 -30.04 18.88 -0.83
CA GLY A 100 -30.39 19.37 -2.15
C GLY A 100 -31.52 18.61 -2.81
N GLY A 101 -32.53 18.23 -2.04
CA GLY A 101 -33.63 17.45 -2.56
C GLY A 101 -33.34 15.98 -2.74
N GLN A 102 -32.12 15.53 -2.48
CA GLN A 102 -31.73 14.13 -2.71
C GLN A 102 -31.64 13.43 -1.36
N ARG A 103 -32.28 12.25 -1.27
CA ARG A 103 -32.22 11.48 -0.04
C ARG A 103 -30.83 10.86 0.13
N ILE A 104 -30.22 11.11 1.28
CA ILE A 104 -28.91 10.54 1.60
C ILE A 104 -29.04 9.29 2.47
N ASP A 105 -29.97 9.30 3.41
CA ASP A 105 -30.20 8.17 4.29
C ASP A 105 -31.57 8.34 4.95
N LYS A 106 -32.11 7.24 5.46
CA LYS A 106 -33.37 7.27 6.17
C LYS A 106 -33.40 6.17 7.21
N HIS A 107 -33.77 6.52 8.43
CA HIS A 107 -33.81 5.59 9.55
C HIS A 107 -35.23 5.44 10.06
N TYR A 108 -35.44 4.40 10.86
CA TYR A 108 -36.75 4.05 11.40
C TYR A 108 -36.61 3.75 12.87
N ASN A 109 -37.74 3.82 13.59
CA ASN A 109 -37.71 3.56 15.02
C ASN A 109 -37.26 2.13 15.32
N ASP A 110 -37.68 1.17 14.50
CA ASP A 110 -37.23 -0.20 14.72
C ASP A 110 -35.73 -0.35 14.45
N TRP A 111 -35.17 0.48 13.57
CA TRP A 111 -33.73 0.47 13.39
C TRP A 111 -33.02 1.01 14.63
N PHE A 112 -33.57 2.06 15.23
CA PHE A 112 -33.02 2.55 16.50
C PHE A 112 -33.03 1.46 17.55
N ARG A 113 -34.11 0.68 17.60
CA ARG A 113 -34.18 -0.44 18.55
C ARG A 113 -33.13 -1.50 18.22
N THR A 114 -33.01 -1.86 16.95
CA THR A 114 -32.05 -2.88 16.53
C THR A 114 -30.61 -2.38 16.70
N TYR A 115 -30.35 -1.12 16.35
CA TYR A 115 -29.01 -0.56 16.55
C TYR A 115 -28.64 -0.57 18.02
N ASP A 116 -29.58 -0.18 18.89
CA ASP A 116 -29.30 -0.16 20.33
C ASP A 116 -29.00 -1.56 20.85
N ALA A 117 -29.73 -2.56 20.35
CA ALA A 117 -29.53 -3.94 20.80
C ALA A 117 -28.19 -4.51 20.34
N LEU A 118 -27.62 -3.98 19.28
CA LEU A 118 -26.41 -4.54 18.69
C LEU A 118 -25.16 -3.73 19.00
N PHE A 119 -25.20 -2.42 18.85
CA PHE A 119 -23.99 -1.61 18.86
C PHE A 119 -23.82 -0.71 20.07
N ARG A 120 -24.87 -0.51 20.86
CA ARG A 120 -24.69 0.13 22.16
C ARG A 120 -24.52 -0.92 23.24
N MET A 121 -23.88 -0.53 24.33
CA MET A 121 -23.58 -1.49 25.38
C MET A 121 -23.25 -0.74 26.68
N ASN A 122 -23.35 -1.48 27.78
CA ASN A 122 -22.81 -1.06 29.08
C ASN A 122 -23.52 0.21 29.54
N ASP A 123 -22.81 1.09 30.26
CA ASP A 123 -23.43 2.30 30.79
C ASP A 123 -23.93 3.23 29.70
N ASP A 124 -23.26 3.25 28.54
CA ASP A 124 -23.73 4.05 27.42
C ASP A 124 -25.13 3.63 27.00
N ARG A 125 -25.38 2.32 26.93
CA ARG A 125 -26.71 1.84 26.54
C ARG A 125 -27.75 2.17 27.60
N TYR A 126 -27.37 2.11 28.88
CA TYR A 126 -28.31 2.48 29.94
C TYR A 126 -28.59 3.98 29.93
N ASN A 127 -27.56 4.79 29.68
CA ASN A 127 -27.77 6.22 29.54
C ASN A 127 -28.69 6.53 28.37
N TYR A 128 -28.63 5.73 27.31
CA TYR A 128 -29.51 5.94 26.17
C TYR A 128 -30.97 5.70 26.54
N ARG A 129 -31.24 4.68 27.36
CA ARG A 129 -32.62 4.47 27.80
C ARG A 129 -33.07 5.57 28.74
N ARG A 130 -32.17 6.10 29.58
CA ARG A 130 -32.50 7.28 30.37
C ARG A 130 -32.93 8.42 29.48
N MET A 131 -32.34 8.53 28.29
CA MET A 131 -32.70 9.61 27.37
C MET A 131 -34.00 9.34 26.62
N THR A 132 -34.49 8.10 26.62
CA THR A 132 -35.64 7.76 25.79
C THR A 132 -36.76 7.05 26.54
N ASP A 133 -36.67 6.90 27.86
CA ASP A 133 -37.67 6.15 28.60
C ASP A 133 -37.65 6.59 30.05
N TRP A 134 -38.69 6.19 30.78
CA TRP A 134 -38.73 6.32 32.24
C TRP A 134 -38.10 5.08 32.84
N VAL A 135 -37.07 5.27 33.67
CA VAL A 135 -36.33 4.15 34.23
C VAL A 135 -36.29 4.22 35.76
N ASN A 136 -37.18 5.02 36.37
CA ASN A 136 -37.17 5.22 37.81
C ASN A 136 -38.54 4.92 38.43
N ASN A 137 -39.29 4.00 37.82
CA ASN A 137 -40.57 3.51 38.38
C ASN A 137 -41.59 4.64 38.51
N GLU A 138 -41.57 5.57 37.55
CA GLU A 138 -42.48 6.70 37.59
C GLU A 138 -43.94 6.25 37.41
N LEU A 139 -44.84 7.05 37.96
CA LEU A 139 -46.26 6.73 37.98
C LEU A 139 -47.03 7.53 36.93
N VAL A 140 -48.35 7.39 36.95
CA VAL A 140 -49.22 8.15 36.07
C VAL A 140 -48.96 9.64 36.26
N GLY A 141 -48.86 10.36 35.14
CA GLY A 141 -48.72 11.81 35.19
C GLY A 141 -47.30 12.33 35.23
N ALA A 142 -46.30 11.45 35.39
CA ALA A 142 -44.92 11.90 35.38
C ALA A 142 -44.55 12.46 34.02
N GLN A 143 -43.93 13.64 34.02
CA GLN A 143 -43.53 14.32 32.79
C GLN A 143 -42.01 14.45 32.77
N LYS A 144 -41.41 14.09 31.64
CA LYS A 144 -39.97 14.01 31.51
C LYS A 144 -39.56 14.48 30.12
N ARG A 145 -38.39 15.11 30.04
CA ARG A 145 -37.81 15.51 28.77
C ARG A 145 -36.91 14.39 28.26
N PHE A 146 -37.05 14.07 26.97
CA PHE A 146 -36.31 12.99 26.35
C PHE A 146 -35.41 13.53 25.26
N TYR A 147 -34.32 12.81 24.98
CA TYR A 147 -33.33 13.21 23.99
C TYR A 147 -33.05 12.01 23.09
N VAL A 148 -33.45 12.10 21.82
CA VAL A 148 -33.23 11.05 20.84
C VAL A 148 -32.07 11.49 19.95
N PRO A 149 -30.88 10.87 20.05
CA PRO A 149 -29.75 11.29 19.21
C PRO A 149 -29.84 10.64 17.83
N LEU A 150 -29.69 11.45 16.79
CA LEU A 150 -29.66 10.90 15.45
C LEU A 150 -28.34 10.19 15.21
N ILE A 151 -28.37 9.20 14.30
CA ILE A 151 -27.20 8.36 14.07
C ILE A 151 -26.91 8.23 12.58
N PHE A 152 -27.01 9.35 11.85
CA PHE A 152 -26.53 9.39 10.49
C PHE A 152 -25.00 9.50 10.48
N PHE A 153 -24.41 9.49 9.28
CA PHE A 153 -22.96 9.39 9.16
C PHE A 153 -22.26 10.56 9.86
N PHE A 154 -22.72 11.79 9.64
CA PHE A 154 -22.06 12.93 10.26
C PHE A 154 -22.42 13.09 11.73
N ASN A 155 -23.41 12.34 12.23
CA ASN A 155 -23.72 12.34 13.65
C ASN A 155 -22.81 11.44 14.45
N GLN A 156 -22.17 10.46 13.82
CA GLN A 156 -21.45 9.41 14.53
C GLN A 156 -19.96 9.66 14.67
N THR A 157 -19.37 10.54 13.86
CA THR A 157 -17.96 10.85 13.98
C THR A 157 -17.71 12.26 13.46
N PRO A 158 -16.98 13.09 14.20
CA PRO A 158 -16.68 14.44 13.69
C PRO A 158 -15.82 14.44 12.43
N GLY A 159 -15.14 13.33 12.13
CA GLY A 159 -14.37 13.24 10.90
C GLY A 159 -15.22 13.24 9.65
N LEU A 160 -16.52 13.02 9.78
CA LEU A 160 -17.46 13.09 8.67
C LEU A 160 -18.42 14.27 8.80
N ALA A 161 -18.03 15.29 9.55
CA ALA A 161 -18.89 16.45 9.78
C ALA A 161 -19.35 17.05 8.45
N LEU A 162 -20.64 17.26 8.33
CA LEU A 162 -21.22 17.75 7.09
C LEU A 162 -20.87 19.22 6.89
N PRO A 163 -20.18 19.58 5.80
CA PRO A 163 -19.77 20.98 5.62
C PRO A 163 -20.85 21.85 4.99
N LEU A 164 -21.67 22.50 5.82
CA LEU A 164 -22.64 23.44 5.30
C LEU A 164 -21.98 24.55 4.50
N ILE A 165 -20.78 24.97 4.91
CA ILE A 165 -20.07 26.04 4.21
C ILE A 165 -19.74 25.65 2.78
N ALA A 166 -19.66 24.36 2.48
CA ALA A 166 -19.40 23.87 1.13
C ALA A 166 -20.66 23.46 0.40
N LEU A 167 -21.84 23.68 1.00
CA LEU A 167 -23.10 23.34 0.37
C LEU A 167 -23.95 24.59 0.16
N GLN A 168 -23.33 25.63 -0.40
CA GLN A 168 -24.00 26.93 -0.56
C GLN A 168 -25.33 26.82 -1.28
N TYR A 169 -25.39 26.01 -2.34
CA TYR A 169 -26.57 25.94 -3.18
C TYR A 169 -27.44 24.72 -2.91
N HIS A 170 -27.17 23.98 -1.85
CA HIS A 170 -27.98 22.81 -1.49
C HIS A 170 -28.40 22.94 -0.04
N GLU A 171 -29.70 22.85 0.20
CA GLU A 171 -30.21 22.87 1.56
C GLU A 171 -30.17 21.46 2.15
N VAL A 172 -29.97 21.40 3.46
CA VAL A 172 -29.95 20.15 4.21
C VAL A 172 -31.19 20.11 5.08
N LYS A 173 -32.03 19.09 4.87
CA LYS A 173 -33.32 19.02 5.54
C LYS A 173 -33.48 17.67 6.22
N LEU A 174 -34.26 17.67 7.29
CA LEU A 174 -34.64 16.46 8.02
C LEU A 174 -36.16 16.37 8.00
N TYR A 175 -36.67 15.20 7.64
CA TYR A 175 -38.12 14.96 7.61
C TYR A 175 -38.45 13.92 8.68
N PHE A 176 -39.31 14.30 9.61
CA PHE A 176 -39.70 13.47 10.73
C PHE A 176 -41.15 13.01 10.56
N THR A 177 -41.40 11.75 10.86
CA THR A 177 -42.75 11.22 10.99
C THR A 177 -42.93 10.77 12.44
N LEU A 178 -43.89 11.37 13.13
CA LEU A 178 -44.15 11.03 14.52
C LEU A 178 -45.17 9.90 14.61
N ALA A 179 -44.94 8.98 15.54
CA ALA A 179 -45.85 7.86 15.70
C ALA A 179 -47.21 8.32 16.18
N SER A 180 -48.24 7.53 15.85
CA SER A 180 -49.60 7.88 16.26
C SER A 180 -49.96 7.30 17.62
N GLN A 181 -49.48 6.09 17.93
CA GLN A 181 -49.81 5.40 19.17
C GLN A 181 -48.53 4.96 19.86
N VAL A 182 -48.35 5.37 21.11
CA VAL A 182 -47.16 5.03 21.89
C VAL A 182 -47.62 4.42 23.22
N GLN A 183 -47.25 3.17 23.45
CA GLN A 183 -47.65 2.47 24.66
C GLN A 183 -47.20 3.23 25.91
N GLY A 184 -48.10 3.33 26.88
CA GLY A 184 -47.81 3.99 28.14
C GLY A 184 -47.79 5.51 28.09
N VAL A 185 -48.10 6.11 26.95
CA VAL A 185 -48.12 7.57 26.82
C VAL A 185 -49.52 8.03 26.47
N ASN A 186 -49.99 7.68 25.28
CA ASN A 186 -51.33 8.01 24.83
C ASN A 186 -52.19 6.80 24.54
N TYR A 187 -51.63 5.58 24.63
CA TYR A 187 -52.39 4.37 24.39
C TYR A 187 -51.97 3.29 25.37
N ASN A 188 -52.94 2.54 25.87
CA ASN A 188 -52.71 1.36 26.70
C ASN A 188 -53.24 0.16 25.93
N GLY A 189 -52.32 -0.62 25.35
CA GLY A 189 -52.74 -1.66 24.43
C GLY A 189 -53.34 -1.01 23.21
N SER A 190 -54.61 -1.31 22.94
CA SER A 190 -55.34 -0.68 21.85
C SER A 190 -56.31 0.39 22.31
N SER A 191 -56.50 0.54 23.62
CA SER A 191 -57.38 1.56 24.17
C SER A 191 -56.61 2.86 24.35
N ALA A 192 -57.14 3.95 23.79
CA ALA A 192 -56.53 5.25 23.98
C ALA A 192 -56.65 5.69 25.43
N ILE A 193 -55.67 6.44 25.89
CA ILE A 193 -55.67 6.98 27.24
C ILE A 193 -56.31 8.36 27.21
N ALA A 194 -57.39 8.54 27.95
CA ALA A 194 -58.15 9.78 27.90
C ALA A 194 -57.35 10.93 28.47
N GLY A 195 -57.45 12.09 27.83
CA GLY A 195 -56.73 13.28 28.26
C GLY A 195 -55.24 13.24 28.04
N ALA A 196 -54.74 12.34 27.19
CA ALA A 196 -53.30 12.26 26.94
C ALA A 196 -52.83 13.52 26.22
N ALA A 197 -51.71 14.08 26.67
CA ALA A 197 -51.20 15.32 26.13
C ALA A 197 -50.42 15.07 24.84
N GLN A 198 -50.58 15.99 23.88
CA GLN A 198 -49.79 15.93 22.67
C GLN A 198 -48.32 16.18 23.00
N PRO A 199 -47.40 15.59 22.25
CA PRO A 199 -45.97 15.83 22.51
C PRO A 199 -45.54 17.20 22.03
N THR A 200 -44.47 17.69 22.65
CA THR A 200 -43.79 18.91 22.23
C THR A 200 -42.40 18.53 21.75
N MET A 201 -41.96 19.14 20.65
CA MET A 201 -40.77 18.72 19.95
C MET A 201 -39.80 19.88 19.79
N SER A 202 -38.51 19.57 19.85
CA SER A 202 -37.46 20.54 19.66
C SER A 202 -36.29 19.83 18.98
N VAL A 203 -35.64 20.51 18.04
CA VAL A 203 -34.54 19.95 17.28
C VAL A 203 -33.31 20.83 17.47
N TRP A 204 -32.20 20.20 17.85
CA TRP A 204 -30.96 20.91 18.14
C TRP A 204 -29.82 20.32 17.31
N VAL A 205 -29.07 21.19 16.65
CA VAL A 205 -27.95 20.80 15.80
C VAL A 205 -26.69 21.45 16.35
N ASP A 206 -25.64 20.65 16.51
CA ASP A 206 -24.34 21.14 16.96
C ASP A 206 -23.55 21.63 15.75
N TYR A 207 -23.09 22.88 15.81
CA TYR A 207 -22.34 23.49 14.73
C TYR A 207 -20.86 23.59 15.11
N ILE A 208 -20.00 23.45 14.11
CA ILE A 208 -18.56 23.67 14.24
C ILE A 208 -18.23 24.99 13.57
N PHE A 209 -17.54 25.87 14.29
CA PHE A 209 -17.06 27.13 13.75
C PHE A 209 -15.57 27.00 13.50
N LEU A 210 -15.15 27.16 12.24
CA LEU A 210 -13.79 26.93 11.83
C LEU A 210 -13.01 28.23 11.72
N ASP A 211 -11.69 28.14 11.87
CA ASP A 211 -10.82 29.28 11.69
C ASP A 211 -10.68 29.61 10.21
N THR A 212 -10.12 30.79 9.93
CA THR A 212 -10.10 31.31 8.56
C THR A 212 -9.37 30.38 7.60
N GLN A 213 -8.22 29.85 8.03
CA GLN A 213 -7.43 28.97 7.16
C GLN A 213 -8.26 27.78 6.68
N GLU A 214 -8.81 27.02 7.62
CA GLU A 214 -9.58 25.83 7.26
C GLU A 214 -10.94 26.19 6.66
N ARG A 215 -11.51 27.33 7.05
CA ARG A 215 -12.78 27.75 6.49
C ARG A 215 -12.69 27.93 4.98
N THR A 216 -11.64 28.63 4.53
CA THR A 216 -11.46 28.88 3.10
C THR A 216 -11.23 27.58 2.34
N ARG A 217 -10.48 26.65 2.93
CA ARG A 217 -10.23 25.37 2.28
C ARG A 217 -11.53 24.60 2.06
N PHE A 218 -12.37 24.52 3.10
CA PHE A 218 -13.63 23.81 2.97
C PHE A 218 -14.54 24.42 1.91
N ALA A 219 -14.52 25.75 1.75
CA ALA A 219 -15.44 26.40 0.85
C ALA A 219 -15.02 26.30 -0.60
N GLN A 220 -13.71 26.25 -0.86
CA GLN A 220 -13.17 26.29 -2.21
C GLN A 220 -12.82 24.92 -2.77
N LEU A 221 -12.49 23.97 -1.93
CA LEU A 221 -11.96 22.70 -2.43
C LEU A 221 -13.07 21.68 -2.61
N PRO A 222 -12.91 20.75 -3.55
CA PRO A 222 -13.85 19.62 -3.64
C PRO A 222 -13.57 18.61 -2.54
N HIS A 223 -14.64 17.93 -2.11
CA HIS A 223 -14.56 17.00 -1.00
C HIS A 223 -15.23 15.69 -1.36
N GLU A 224 -14.66 14.59 -0.87
CA GLU A 224 -15.25 13.26 -0.96
C GLU A 224 -15.33 12.68 0.44
N TYR A 225 -16.51 12.17 0.80
CA TYR A 225 -16.75 11.59 2.11
C TYR A 225 -17.20 10.14 1.95
N LEU A 226 -16.51 9.22 2.63
CA LEU A 226 -16.93 7.83 2.68
C LEU A 226 -17.97 7.70 3.80
N ILE A 227 -19.24 7.58 3.41
CA ILE A 227 -20.34 7.62 4.36
C ILE A 227 -21.05 6.27 4.34
N GLU A 228 -21.90 6.07 5.36
CA GLU A 228 -22.69 4.86 5.52
C GLU A 228 -24.17 5.15 5.33
N GLN A 229 -24.90 4.16 4.85
CA GLN A 229 -26.35 4.25 4.65
C GLN A 229 -27.03 3.04 5.24
N LEU A 230 -28.35 3.15 5.40
CA LEU A 230 -29.18 2.07 5.90
C LEU A 230 -30.13 1.60 4.80
N GLN A 231 -30.20 0.30 4.59
CA GLN A 231 -31.16 -0.31 3.68
C GLN A 231 -32.09 -1.22 4.49
N PHE A 232 -33.39 -1.11 4.22
CA PHE A 232 -34.38 -1.84 5.01
C PHE A 232 -35.44 -2.43 4.08
N THR A 233 -35.79 -3.69 4.34
CA THR A 233 -36.88 -4.37 3.64
C THR A 233 -37.71 -5.12 4.67
N GLY A 234 -39.01 -4.84 4.71
CA GLY A 234 -39.92 -5.46 5.65
C GLY A 234 -40.70 -6.59 5.01
N SER A 235 -40.55 -7.78 5.56
CA SER A 235 -41.19 -8.98 5.02
C SER A 235 -42.11 -9.61 6.06
N GLU A 236 -42.96 -10.52 5.59
CA GLU A 236 -43.90 -11.24 6.43
C GLU A 236 -43.30 -12.58 6.83
N THR A 237 -43.22 -12.82 8.14
CA THR A 237 -42.67 -14.07 8.64
C THR A 237 -43.60 -15.22 8.30
N ALA A 238 -43.04 -16.33 7.82
CA ALA A 238 -43.83 -17.52 7.60
C ALA A 238 -44.35 -18.05 8.93
N THR A 239 -45.62 -18.46 8.93
CA THR A 239 -46.30 -18.90 10.14
C THR A 239 -45.62 -20.15 10.72
N PRO A 240 -45.01 -20.04 11.90
CA PRO A 240 -44.40 -21.23 12.51
C PRO A 240 -45.45 -22.19 13.05
N SER A 241 -45.15 -23.47 12.95
CA SER A 241 -46.09 -24.53 13.31
C SER A 241 -45.70 -25.16 14.63
N ALA A 242 -46.70 -25.66 15.34
CA ALA A 242 -46.51 -26.43 16.57
C ALA A 242 -46.32 -27.91 16.30
N THR A 243 -46.40 -28.34 15.04
CA THR A 243 -46.23 -29.73 14.66
C THR A 243 -45.09 -29.99 13.69
N THR A 244 -44.56 -28.95 13.03
CA THR A 244 -43.46 -29.11 12.10
C THR A 244 -42.58 -27.86 12.16
N GLN A 245 -41.41 -27.95 11.52
CA GLN A 245 -40.48 -26.84 11.45
C GLN A 245 -40.68 -26.13 10.11
N ALA A 246 -41.33 -24.97 10.15
CA ALA A 246 -41.52 -24.18 8.95
C ALA A 246 -40.19 -23.62 8.45
N SER A 247 -40.12 -23.40 7.14
CA SER A 247 -38.94 -22.81 6.51
C SER A 247 -39.37 -21.70 5.58
N GLN A 248 -38.39 -20.92 5.12
CA GLN A 248 -38.70 -19.73 4.33
C GLN A 248 -37.42 -19.20 3.70
N ASN A 249 -37.53 -18.77 2.44
CA ASN A 249 -36.44 -18.13 1.72
C ASN A 249 -36.86 -16.71 1.37
N ILE A 250 -36.04 -15.73 1.76
CA ILE A 250 -36.31 -14.32 1.48
C ILE A 250 -35.23 -13.82 0.52
N ARG A 251 -35.67 -13.34 -0.64
CA ARG A 251 -34.74 -12.73 -1.59
C ARG A 251 -34.33 -11.35 -1.08
N LEU A 252 -33.01 -11.14 -0.98
CA LEU A 252 -32.47 -9.90 -0.43
C LEU A 252 -32.26 -8.90 -1.55
N ASN A 253 -32.98 -7.78 -1.48
CA ASN A 253 -32.85 -6.69 -2.45
C ASN A 253 -32.02 -5.58 -1.83
N PHE A 254 -30.70 -5.79 -1.85
CA PHE A 254 -29.74 -4.83 -1.30
C PHE A 254 -28.72 -4.46 -2.37
N ASN A 255 -28.01 -3.36 -2.12
CA ASN A 255 -27.00 -2.86 -3.04
C ASN A 255 -25.81 -2.33 -2.26
N HIS A 256 -24.73 -2.00 -3.00
CA HIS A 256 -23.52 -1.36 -2.52
C HIS A 256 -22.67 -2.29 -1.67
N PRO A 257 -21.39 -1.96 -1.47
CA PRO A 257 -20.58 -2.72 -0.50
C PRO A 257 -21.17 -2.61 0.89
N THR A 258 -21.60 -3.76 1.42
CA THR A 258 -22.38 -3.82 2.66
C THR A 258 -21.52 -4.38 3.78
N LYS A 259 -21.54 -3.70 4.93
CA LYS A 259 -20.73 -4.12 6.07
C LYS A 259 -21.32 -5.35 6.76
N TYR A 260 -22.64 -5.37 6.94
CA TYR A 260 -23.27 -6.43 7.71
C TYR A 260 -24.75 -6.48 7.41
N LEU A 261 -25.37 -7.60 7.78
CA LEU A 261 -26.81 -7.77 7.79
C LEU A 261 -27.29 -7.91 9.22
N ALA A 262 -28.46 -7.35 9.51
CA ALA A 262 -29.08 -7.45 10.83
C ALA A 262 -30.57 -7.60 10.65
N TRP A 263 -31.17 -8.55 11.36
CA TRP A 263 -32.60 -8.80 11.20
C TRP A 263 -33.22 -9.19 12.54
N ASN A 264 -34.53 -9.02 12.62
CA ASN A 264 -35.31 -9.40 13.78
C ASN A 264 -36.68 -9.88 13.33
N PHE A 265 -37.34 -10.64 14.20
CA PHE A 265 -38.73 -11.05 14.01
C PHE A 265 -39.53 -10.38 15.12
N ASN A 266 -40.43 -9.47 14.74
CA ASN A 266 -41.14 -8.66 15.73
C ASN A 266 -42.65 -8.77 15.56
N ASN A 267 -43.35 -8.56 16.67
CA ASN A 267 -44.81 -8.51 16.68
C ASN A 267 -45.23 -7.05 16.54
N PRO A 268 -45.87 -6.65 15.43
CA PRO A 268 -46.15 -5.22 15.23
C PRO A 268 -47.02 -4.60 16.30
N THR A 269 -47.77 -5.42 17.07
CA THR A 269 -48.62 -4.89 18.12
C THR A 269 -47.80 -4.23 19.23
N ASN A 270 -46.62 -4.78 19.53
CA ASN A 270 -45.80 -4.30 20.64
C ASN A 270 -44.42 -3.85 20.16
N TYR A 271 -44.07 -2.61 20.49
CA TYR A 271 -42.79 -2.04 20.09
C TYR A 271 -41.65 -2.83 20.75
N GLY A 272 -40.71 -3.30 19.94
CA GLY A 272 -39.55 -4.04 20.41
C GLY A 272 -39.78 -5.48 20.83
N GLN A 273 -41.01 -6.00 20.75
CA GLN A 273 -41.22 -7.40 21.09
C GLN A 273 -40.57 -8.25 20.00
N TYR A 274 -39.36 -8.73 20.28
CA TYR A 274 -38.63 -9.56 19.35
C TYR A 274 -38.69 -11.04 19.71
N THR A 275 -39.32 -11.40 20.83
CA THR A 275 -39.40 -12.77 21.30
C THR A 275 -40.83 -13.09 21.70
N ALA A 276 -41.08 -14.36 21.96
CA ALA A 276 -42.42 -14.82 22.31
C ALA A 276 -42.74 -14.50 23.76
N LEU A 277 -43.98 -14.08 24.00
CA LEU A 277 -44.44 -13.84 25.36
C LEU A 277 -44.66 -15.16 26.08
N ALA A 278 -44.25 -15.20 27.36
CA ALA A 278 -44.36 -16.42 28.14
C ALA A 278 -44.61 -16.06 29.60
N ASN A 279 -45.03 -17.07 30.36
CA ASN A 279 -45.36 -16.90 31.77
C ASN A 279 -44.13 -17.12 32.67
N ILE A 280 -43.07 -16.40 32.37
CA ILE A 280 -41.87 -16.39 33.20
C ILE A 280 -41.54 -14.93 33.50
N PRO A 281 -40.95 -14.62 34.68
CA PRO A 281 -40.69 -13.24 35.06
C PRO A 281 -40.14 -12.35 33.95
N GLY A 282 -40.85 -11.27 33.63
CA GLY A 282 -40.42 -10.32 32.63
C GLY A 282 -40.85 -10.63 31.21
N ALA A 283 -41.57 -11.72 30.98
CA ALA A 283 -41.96 -12.11 29.62
C ALA A 283 -43.44 -11.92 29.32
N CYS A 284 -44.26 -11.56 30.30
CA CYS A 284 -45.66 -11.25 30.04
C CYS A 284 -46.21 -10.43 31.21
N SER A 285 -47.35 -9.80 30.96
CA SER A 285 -48.01 -9.00 31.99
C SER A 285 -48.39 -9.86 33.18
N GLY A 286 -47.93 -9.46 34.37
CA GLY A 286 -48.24 -10.19 35.58
C GLY A 286 -47.64 -11.58 35.63
N ALA A 287 -46.46 -11.77 35.04
CA ALA A 287 -45.87 -13.10 34.97
C ALA A 287 -45.61 -13.66 36.36
N GLY A 288 -45.87 -14.95 36.53
CA GLY A 288 -45.68 -15.60 37.81
C GLY A 288 -46.73 -15.29 38.85
N THR A 289 -47.86 -14.70 38.47
CA THR A 289 -48.93 -14.38 39.40
C THR A 289 -50.25 -14.89 38.84
N ALA A 290 -51.32 -14.71 39.63
CA ALA A 290 -52.65 -15.13 39.21
C ALA A 290 -53.19 -14.32 38.03
N ALA A 291 -52.63 -13.13 37.78
CA ALA A 291 -53.07 -12.27 36.69
C ALA A 291 -52.19 -12.42 35.45
N ALA A 292 -51.38 -13.48 35.38
CA ALA A 292 -50.50 -13.67 34.24
C ALA A 292 -51.30 -13.90 32.96
N THR A 293 -50.90 -13.22 31.89
CA THR A 293 -51.53 -13.40 30.59
C THR A 293 -50.46 -13.22 29.52
N VAL A 294 -50.27 -14.25 28.68
CA VAL A 294 -49.26 -14.21 27.62
C VAL A 294 -49.72 -13.45 26.40
N THR A 295 -50.90 -12.83 26.45
CA THR A 295 -51.36 -11.99 25.35
C THR A 295 -50.79 -10.58 25.42
N THR A 296 -50.32 -10.15 26.59
CA THR A 296 -49.84 -8.80 26.82
C THR A 296 -48.45 -8.87 27.44
N PRO A 297 -47.49 -8.08 26.97
CA PRO A 297 -46.14 -8.16 27.52
C PRO A 297 -45.98 -7.31 28.77
N ASP A 298 -44.89 -7.60 29.50
CA ASP A 298 -44.37 -6.73 30.54
C ASP A 298 -43.60 -5.63 29.82
N TYR A 299 -44.29 -4.51 29.56
CA TYR A 299 -43.79 -3.52 28.62
C TYR A 299 -42.40 -3.01 29.02
N GLY A 300 -42.24 -2.66 30.29
CA GLY A 300 -40.94 -2.17 30.75
C GLY A 300 -39.81 -3.16 30.57
N ASN A 301 -40.13 -4.45 30.46
CA ASN A 301 -39.15 -5.52 30.32
C ASN A 301 -39.40 -6.33 29.05
N THR A 302 -39.68 -5.63 27.95
CA THR A 302 -40.06 -6.29 26.70
C THR A 302 -38.91 -7.15 26.16
N GLY A 303 -37.67 -6.71 26.32
CA GLY A 303 -36.54 -7.48 25.84
C GLY A 303 -36.19 -8.65 26.75
N THR A 304 -35.39 -9.57 26.20
CA THR A 304 -34.91 -10.72 26.97
C THR A 304 -33.65 -11.24 26.32
N TYR A 305 -32.87 -11.99 27.11
CA TYR A 305 -31.70 -12.70 26.61
C TYR A 305 -31.94 -14.20 26.49
N ASN A 306 -33.14 -14.68 26.84
CA ASN A 306 -33.46 -16.10 26.84
C ASN A 306 -33.67 -16.58 25.41
N GLU A 307 -32.72 -17.34 24.87
CA GLU A 307 -32.83 -17.86 23.51
C GLU A 307 -34.04 -18.76 23.32
N GLN A 308 -34.55 -19.38 24.40
CA GLN A 308 -35.70 -20.25 24.29
C GLN A 308 -36.91 -19.52 23.71
N LEU A 309 -37.03 -18.22 23.96
CA LEU A 309 -38.16 -17.44 23.50
C LEU A 309 -37.96 -16.86 22.10
N ALA A 310 -36.82 -17.14 21.46
CA ALA A 310 -36.59 -16.72 20.09
C ALA A 310 -37.12 -17.77 19.12
N VAL A 311 -37.56 -17.31 17.95
CA VAL A 311 -38.27 -18.18 17.02
C VAL A 311 -37.38 -18.80 15.96
N LEU A 312 -36.22 -18.22 15.66
CA LEU A 312 -35.38 -18.71 14.58
C LEU A 312 -34.55 -19.90 15.06
N ASP A 313 -34.68 -21.03 14.39
CA ASP A 313 -33.91 -22.22 14.73
C ASP A 313 -32.56 -22.24 14.01
N SER A 314 -32.54 -21.99 12.71
CA SER A 314 -31.31 -22.01 11.95
C SER A 314 -31.46 -21.08 10.76
N ALA A 315 -30.32 -20.70 10.17
CA ALA A 315 -30.33 -19.78 9.05
C ALA A 315 -29.01 -19.89 8.29
N LYS A 316 -29.07 -19.56 7.00
CA LYS A 316 -27.88 -19.45 6.17
C LYS A 316 -28.19 -18.48 5.04
N ILE A 317 -27.15 -18.00 4.38
CA ILE A 317 -27.28 -17.10 3.24
C ILE A 317 -26.80 -17.84 2.00
N GLN A 318 -27.46 -17.58 0.87
CA GLN A 318 -27.09 -18.17 -0.40
C GLN A 318 -26.74 -17.08 -1.40
N LEU A 319 -25.71 -17.35 -2.20
CA LEU A 319 -25.26 -16.46 -3.26
C LEU A 319 -25.39 -17.21 -4.57
N ASN A 320 -26.33 -16.76 -5.41
CA ASN A 320 -26.59 -17.36 -6.71
C ASN A 320 -26.84 -18.86 -6.59
N GLY A 321 -27.64 -19.23 -5.58
CA GLY A 321 -28.02 -20.61 -5.36
C GLY A 321 -26.99 -21.47 -4.64
N GLN A 322 -25.88 -20.89 -4.21
CA GLN A 322 -24.84 -21.64 -3.51
C GLN A 322 -24.71 -21.08 -2.10
N ASP A 323 -24.45 -21.98 -1.14
CA ASP A 323 -24.30 -21.58 0.26
C ASP A 323 -23.13 -20.62 0.43
N ARG A 324 -23.42 -19.41 0.92
CA ARG A 324 -22.36 -18.50 1.31
C ARG A 324 -21.62 -19.03 2.53
N PHE A 325 -22.31 -19.76 3.41
CA PHE A 325 -21.70 -20.44 4.54
C PHE A 325 -22.66 -21.53 4.99
N ALA A 326 -22.13 -22.47 5.77
CA ALA A 326 -22.95 -23.57 6.27
C ALA A 326 -23.94 -23.07 7.30
N THR A 327 -25.09 -23.75 7.36
CA THR A 327 -26.17 -23.36 8.26
C THR A 327 -25.72 -23.37 9.72
N ARG A 328 -26.12 -22.33 10.46
CA ARG A 328 -25.84 -22.22 11.88
C ARG A 328 -27.16 -21.93 12.61
N LYS A 329 -27.17 -22.26 13.89
CA LYS A 329 -28.36 -22.00 14.70
C LYS A 329 -28.59 -20.51 14.87
N GLY A 330 -29.83 -20.16 15.19
CA GLY A 330 -30.15 -18.76 15.41
C GLY A 330 -29.34 -18.13 16.54
N SER A 331 -28.97 -18.92 17.55
CA SER A 331 -28.18 -18.38 18.66
C SER A 331 -26.78 -17.98 18.19
N TYR A 332 -26.28 -18.62 17.13
CA TYR A 332 -24.97 -18.22 16.59
C TYR A 332 -25.00 -16.77 16.11
N PHE A 333 -26.04 -16.40 15.36
CA PHE A 333 -26.14 -15.04 14.86
C PHE A 333 -26.48 -14.04 15.96
N ASN A 334 -26.99 -14.52 17.10
CA ASN A 334 -27.33 -13.65 18.22
C ASN A 334 -26.20 -13.53 19.23
N LYS A 335 -25.43 -14.60 19.45
CA LYS A 335 -24.37 -14.60 20.44
C LYS A 335 -22.97 -14.50 19.83
N VAL A 336 -22.64 -15.39 18.89
CA VAL A 336 -21.27 -15.54 18.43
C VAL A 336 -20.88 -14.39 17.50
N GLN A 337 -21.72 -14.10 16.51
CA GLN A 337 -21.42 -12.99 15.61
C GLN A 337 -21.24 -11.66 16.33
N PRO A 338 -22.08 -11.28 17.31
CA PRO A 338 -21.75 -10.07 18.08
C PRO A 338 -20.50 -10.24 18.94
N TYR A 339 -20.30 -11.44 19.50
CA TYR A 339 -19.10 -11.66 20.31
C TYR A 339 -17.84 -11.49 19.48
N GLN A 340 -17.84 -12.01 18.24
CA GLN A 340 -16.63 -12.00 17.44
C GLN A 340 -16.30 -10.63 16.87
N SER A 341 -17.29 -9.75 16.73
CA SER A 341 -17.08 -8.52 15.99
C SER A 341 -17.55 -7.24 16.69
N ILE A 342 -18.31 -7.34 17.79
CA ILE A 342 -18.83 -6.17 18.49
C ILE A 342 -18.31 -6.12 19.93
N GLY A 343 -18.40 -7.21 20.66
CA GLY A 343 -17.93 -7.25 22.03
C GLY A 343 -18.88 -6.70 23.07
N GLY A 344 -20.18 -6.80 22.83
CA GLY A 344 -21.16 -6.43 23.83
C GLY A 344 -22.07 -7.59 24.19
N VAL A 345 -23.37 -7.33 24.30
CA VAL A 345 -24.35 -8.40 24.44
C VAL A 345 -25.62 -7.96 23.73
N THR A 346 -26.22 -8.88 22.99
CA THR A 346 -27.42 -8.61 22.22
C THR A 346 -28.58 -9.43 22.75
N PRO A 347 -29.73 -8.82 23.00
CA PRO A 347 -30.89 -9.61 23.46
C PRO A 347 -31.33 -10.61 22.41
N ALA A 348 -32.01 -11.66 22.87
CA ALA A 348 -32.52 -12.67 21.96
C ALA A 348 -33.55 -12.06 21.00
N GLY A 349 -33.61 -12.61 19.79
CA GLY A 349 -34.49 -12.09 18.76
C GLY A 349 -33.84 -11.11 17.81
N VAL A 350 -32.61 -10.69 18.07
CA VAL A 350 -31.86 -9.81 17.17
C VAL A 350 -30.65 -10.59 16.67
N TYR A 351 -30.47 -10.60 15.35
CA TYR A 351 -29.47 -11.45 14.72
C TYR A 351 -28.55 -10.61 13.83
N LEU A 352 -27.28 -11.03 13.75
CA LEU A 352 -26.26 -10.34 12.97
C LEU A 352 -25.49 -11.34 12.13
N TYR A 353 -25.16 -10.93 10.90
CA TYR A 353 -24.09 -11.56 10.14
C TYR A 353 -23.21 -10.47 9.56
N SER A 354 -21.94 -10.45 9.96
CA SER A 354 -21.03 -9.38 9.59
C SER A 354 -20.13 -9.82 8.45
N PHE A 355 -20.00 -8.96 7.44
CA PHE A 355 -18.96 -9.10 6.44
C PHE A 355 -17.68 -8.36 6.83
N ALA A 356 -17.72 -7.58 7.90
CA ALA A 356 -16.61 -6.76 8.34
C ALA A 356 -15.98 -7.33 9.60
N LEU A 357 -14.67 -7.08 9.75
CA LEU A 357 -14.00 -7.42 11.00
C LEU A 357 -14.54 -6.57 12.15
N LYS A 358 -14.84 -5.30 11.88
CA LYS A 358 -15.28 -4.34 12.88
C LYS A 358 -16.48 -3.59 12.32
N PRO A 359 -17.67 -4.18 12.38
CA PRO A 359 -18.85 -3.53 11.78
C PRO A 359 -19.26 -2.26 12.49
N ALA A 360 -18.91 -2.08 13.76
CA ALA A 360 -19.26 -0.85 14.46
C ALA A 360 -18.27 0.28 14.19
N GLY A 361 -17.11 -0.02 13.60
CA GLY A 361 -16.15 1.01 13.30
C GLY A 361 -16.45 1.71 11.98
N ARG A 362 -16.13 3.01 11.94
CA ARG A 362 -16.36 3.79 10.73
C ARG A 362 -15.37 3.40 9.63
N GLN A 363 -14.12 3.15 10.00
CA GLN A 363 -13.12 2.70 9.05
C GLN A 363 -13.56 1.38 8.41
N PRO A 364 -13.61 1.31 7.08
CA PRO A 364 -14.03 0.06 6.44
C PRO A 364 -13.07 -1.08 6.75
N SER A 365 -13.64 -2.27 6.97
CA SER A 365 -12.87 -3.44 7.37
C SER A 365 -13.49 -4.70 6.78
N GLY A 366 -13.93 -4.63 5.54
CA GLY A 366 -14.51 -5.81 4.89
C GLY A 366 -15.97 -5.59 4.57
N THR A 367 -16.32 -5.77 3.30
CA THR A 367 -17.69 -5.61 2.83
C THR A 367 -17.98 -6.66 1.77
N CYS A 368 -19.28 -6.83 1.49
CA CYS A 368 -19.74 -7.57 0.33
C CYS A 368 -20.50 -6.64 -0.60
N ASN A 369 -20.16 -6.68 -1.88
CA ASN A 369 -20.77 -5.80 -2.88
C ASN A 369 -22.06 -6.45 -3.36
N PHE A 370 -23.18 -6.07 -2.73
CA PHE A 370 -24.48 -6.57 -3.14
C PHE A 370 -24.92 -6.05 -4.51
N SER A 371 -24.25 -5.02 -5.03
CA SER A 371 -24.55 -4.54 -6.38
C SER A 371 -24.04 -5.49 -7.46
N ARG A 372 -23.13 -6.40 -7.12
CA ARG A 372 -22.59 -7.37 -8.07
C ARG A 372 -23.15 -8.76 -7.86
N ILE A 373 -24.23 -8.90 -7.09
CA ILE A 373 -24.85 -10.19 -6.81
C ILE A 373 -26.25 -10.17 -7.39
N ASP A 374 -26.54 -11.10 -8.31
CA ASP A 374 -27.86 -11.15 -8.91
C ASP A 374 -28.88 -11.70 -7.94
N ASN A 375 -28.54 -12.80 -7.26
CA ASN A 375 -29.47 -13.45 -6.33
C ASN A 375 -28.77 -13.61 -4.98
N ALA A 376 -29.35 -13.00 -3.95
CA ALA A 376 -28.93 -13.20 -2.57
C ALA A 376 -30.17 -13.61 -1.79
N THR A 377 -30.06 -14.69 -1.03
CA THR A 377 -31.22 -15.26 -0.34
C THR A 377 -30.86 -15.59 1.10
N LEU A 378 -31.76 -15.24 2.00
CA LEU A 378 -31.67 -15.61 3.41
C LEU A 378 -32.59 -16.80 3.65
N SER A 379 -32.00 -17.95 3.93
CA SER A 379 -32.75 -19.18 4.15
C SER A 379 -32.99 -19.36 5.65
N LEU A 380 -34.26 -19.56 6.01
CA LEU A 380 -34.66 -19.60 7.41
C LEU A 380 -35.38 -20.90 7.73
N THR A 381 -35.11 -21.43 8.92
CA THR A 381 -35.84 -22.56 9.48
C THR A 381 -36.26 -22.17 10.88
N TYR A 382 -37.54 -22.34 11.20
CA TYR A 382 -38.10 -21.88 12.46
C TYR A 382 -38.24 -23.02 13.45
N LYS A 383 -38.17 -22.69 14.73
CA LYS A 383 -38.42 -23.67 15.77
C LYS A 383 -39.88 -24.11 15.75
N THR A 384 -40.13 -25.27 16.36
CA THR A 384 -41.49 -25.77 16.51
C THR A 384 -42.10 -25.12 17.74
N CYS A 385 -42.99 -24.16 17.54
CA CYS A 385 -43.60 -23.41 18.63
C CYS A 385 -44.69 -24.26 19.29
N SER A 386 -44.24 -25.24 20.05
CA SER A 386 -45.13 -26.20 20.71
C SER A 386 -45.08 -26.13 22.22
N ILE A 387 -44.33 -25.20 22.80
CA ILE A 387 -44.23 -25.09 24.26
C ILE A 387 -45.44 -24.33 24.79
N ASP A 388 -46.01 -24.82 25.89
CA ASP A 388 -47.09 -24.13 26.57
C ASP A 388 -46.53 -22.85 27.20
N ALA A 389 -46.84 -21.71 26.60
CA ALA A 389 -46.30 -20.44 27.09
C ALA A 389 -46.82 -20.09 28.48
N THR A 390 -47.97 -20.63 28.88
CA THR A 390 -48.51 -20.36 30.20
C THR A 390 -47.85 -21.18 31.30
N SER A 391 -46.99 -22.13 30.95
CA SER A 391 -46.36 -23.01 31.93
C SER A 391 -44.90 -22.65 32.11
N PRO A 392 -44.50 -22.06 33.25
CA PRO A 392 -43.07 -21.80 33.46
C PRO A 392 -42.22 -23.05 33.49
N ALA A 393 -42.75 -24.17 33.98
CA ALA A 393 -42.00 -25.42 33.98
C ALA A 393 -41.69 -25.87 32.56
N ALA A 394 -42.61 -25.63 31.62
CA ALA A 394 -42.38 -26.02 30.24
C ALA A 394 -41.42 -25.06 29.54
N VAL A 395 -41.52 -23.76 29.83
CA VAL A 395 -40.68 -22.78 29.17
C VAL A 395 -39.24 -22.88 29.67
N LEU A 396 -39.06 -22.99 30.99
CA LEU A 396 -37.73 -23.02 31.59
C LEU A 396 -37.07 -24.39 31.51
N GLY A 397 -37.77 -25.41 30.99
CA GLY A 397 -37.18 -26.73 30.88
C GLY A 397 -37.50 -27.42 29.57
N ASN A 398 -36.90 -26.96 28.48
CA ASN A 398 -37.20 -27.53 27.17
C ASN A 398 -35.92 -27.62 26.34
N THR A 399 -36.08 -28.01 25.09
CA THR A 399 -34.97 -28.35 24.21
C THR A 399 -34.69 -27.22 23.23
N GLU A 400 -33.69 -27.43 22.37
CA GLU A 400 -33.13 -26.35 21.58
C GLU A 400 -34.07 -25.89 20.47
N THR A 401 -34.72 -26.82 19.79
CA THR A 401 -35.43 -26.52 18.54
C THR A 401 -36.92 -26.29 18.73
N VAL A 402 -37.36 -25.99 19.95
CA VAL A 402 -38.74 -25.65 20.22
C VAL A 402 -38.80 -24.31 20.93
N THR A 403 -39.96 -23.65 20.83
CA THR A 403 -40.18 -22.36 21.48
C THR A 403 -41.64 -22.27 21.90
N ALA A 404 -41.99 -21.15 22.53
CA ALA A 404 -43.34 -20.96 23.04
C ALA A 404 -44.33 -20.78 21.90
N ASN A 405 -45.55 -21.28 22.11
CA ASN A 405 -46.58 -21.24 21.08
C ASN A 405 -47.01 -19.83 20.74
N THR A 406 -46.73 -18.85 21.59
CA THR A 406 -47.02 -17.46 21.28
C THR A 406 -46.07 -16.87 20.25
N ALA A 407 -45.10 -17.65 19.75
CA ALA A 407 -44.20 -17.17 18.70
C ALA A 407 -44.91 -16.88 17.40
N THR A 408 -46.14 -17.38 17.22
CA THR A 408 -46.89 -17.08 16.00
C THR A 408 -47.22 -15.59 15.87
N LEU A 409 -47.08 -14.82 16.94
CA LEU A 409 -47.31 -13.38 16.87
C LEU A 409 -46.14 -12.62 16.26
N LEU A 410 -45.00 -13.27 16.05
CA LEU A 410 -43.81 -12.62 15.48
C LEU A 410 -43.90 -12.64 13.95
N THR A 411 -44.84 -11.85 13.43
CA THR A 411 -45.20 -11.92 12.03
C THR A 411 -44.37 -11.01 11.13
N ALA A 412 -43.73 -9.99 11.68
CA ALA A 412 -42.96 -9.04 10.90
C ALA A 412 -41.48 -9.39 10.92
N LEU A 413 -40.87 -9.41 9.73
CA LEU A 413 -39.45 -9.73 9.58
C LEU A 413 -38.77 -8.51 8.96
N ASN A 414 -37.89 -7.87 9.72
CA ASN A 414 -37.19 -6.67 9.30
C ASN A 414 -35.72 -7.01 9.08
N ILE A 415 -35.24 -6.81 7.85
CA ILE A 415 -33.85 -7.07 7.50
C ILE A 415 -33.18 -5.74 7.18
N TYR A 416 -32.04 -5.49 7.81
CA TYR A 416 -31.28 -4.26 7.63
C TYR A 416 -29.91 -4.58 7.06
N ALA A 417 -29.40 -3.64 6.25
CA ALA A 417 -28.06 -3.74 5.69
C ALA A 417 -27.43 -2.36 5.76
N LYS A 418 -26.20 -2.30 6.27
CA LYS A 418 -25.43 -1.07 6.37
C LYS A 418 -24.34 -1.09 5.32
N ASN A 419 -24.42 -0.16 4.37
CA ASN A 419 -23.50 -0.11 3.24
C ASN A 419 -22.69 1.18 3.27
N TYR A 420 -21.67 1.23 2.42
CA TYR A 420 -20.86 2.43 2.22
C TYR A 420 -21.28 3.13 0.93
N ASN A 421 -20.97 4.43 0.88
CA ASN A 421 -21.19 5.23 -0.32
C ASN A 421 -20.24 6.43 -0.24
N VAL A 422 -20.18 7.18 -1.33
CA VAL A 422 -19.30 8.34 -1.44
C VAL A 422 -20.15 9.57 -1.66
N LEU A 423 -20.01 10.55 -0.77
CA LEU A 423 -20.69 11.84 -0.89
C LEU A 423 -19.68 12.85 -1.42
N ARG A 424 -19.86 13.28 -2.66
CA ARG A 424 -18.99 14.26 -3.28
C ARG A 424 -19.61 15.65 -3.15
N ILE A 425 -18.80 16.62 -2.72
CA ILE A 425 -19.27 17.97 -2.48
C ILE A 425 -18.35 18.92 -3.24
N MET A 426 -18.92 19.67 -4.18
CA MET A 426 -18.14 20.60 -4.98
C MET A 426 -19.07 21.64 -5.57
N SER A 427 -18.56 22.87 -5.69
CA SER A 427 -19.29 24.00 -6.26
C SER A 427 -20.57 24.30 -5.51
N GLY A 428 -20.57 24.05 -4.20
CA GLY A 428 -21.72 24.34 -3.37
C GLY A 428 -22.83 23.30 -3.40
N MET A 429 -22.57 22.12 -3.97
CA MET A 429 -23.58 21.08 -4.10
C MET A 429 -23.01 19.73 -3.68
N GLY A 430 -23.87 18.90 -3.11
CA GLY A 430 -23.51 17.55 -2.70
C GLY A 430 -24.24 16.53 -3.55
N GLY A 431 -23.64 15.35 -3.68
CA GLY A 431 -24.24 14.28 -4.44
C GLY A 431 -23.62 12.92 -4.19
N LEU A 432 -24.44 11.89 -4.11
CA LEU A 432 -23.95 10.53 -3.91
C LEU A 432 -23.37 9.98 -5.19
N ALA A 433 -22.24 9.28 -5.06
CA ALA A 433 -21.58 8.73 -6.24
C ALA A 433 -22.38 7.60 -6.86
N TYR A 434 -23.00 6.75 -6.04
CA TYR A 434 -23.69 5.57 -6.52
C TYR A 434 -25.13 5.56 -6.01
N ALA A 435 -26.08 5.37 -6.92
CA ALA A 435 -27.48 5.22 -6.56
C ALA A 435 -27.84 3.77 -6.24
N ASN A 436 -27.23 2.82 -6.92
CA ASN A 436 -27.46 1.40 -6.66
C ASN A 436 -26.20 0.58 -6.99
N ALA B 12 -7.15 32.95 -3.03
CA ALA B 12 -7.86 31.68 -3.15
C ALA B 12 -6.97 30.61 -3.77
N GLN B 13 -6.11 31.05 -4.68
CA GLN B 13 -5.18 30.13 -5.34
C GLN B 13 -4.11 29.62 -4.38
N ASP B 14 -3.88 30.31 -3.27
CA ASP B 14 -2.90 29.90 -2.28
C ASP B 14 -3.36 28.72 -1.44
N VAL B 15 -4.62 28.31 -1.56
CA VAL B 15 -5.14 27.19 -0.78
C VAL B 15 -4.41 25.90 -1.13
N TYR B 16 -4.10 25.71 -2.42
CA TYR B 16 -3.40 24.51 -2.85
C TYR B 16 -1.95 24.48 -2.42
N LEU B 17 -1.37 25.64 -2.10
CA LEU B 17 0.06 25.72 -1.78
C LEU B 17 0.33 25.85 -0.27
N THR B 18 -0.36 26.76 0.41
CA THR B 18 -0.05 27.06 1.80
C THR B 18 -1.22 26.90 2.75
N GLY B 19 -2.39 26.50 2.26
CA GLY B 19 -3.54 26.35 3.14
C GLY B 19 -3.36 25.16 4.07
N ASN B 20 -3.43 25.43 5.39
CA ASN B 20 -3.19 24.42 6.43
C ASN B 20 -1.86 23.71 6.16
N PRO B 21 -0.74 24.31 6.54
CA PRO B 21 0.56 23.75 6.17
C PRO B 21 0.79 22.37 6.78
N GLN B 22 1.49 21.52 6.01
CA GLN B 22 1.92 20.21 6.47
C GLN B 22 3.41 20.18 6.80
N ILE B 23 4.23 20.90 6.05
CA ILE B 23 5.68 20.95 6.28
C ILE B 23 6.11 22.40 6.42
N THR B 24 7.31 22.59 6.94
CA THR B 24 7.95 23.89 6.99
C THR B 24 9.38 23.74 6.49
N PHE B 25 9.86 24.75 5.76
CA PHE B 25 11.22 24.72 5.24
C PHE B 25 12.25 25.26 6.22
N PHE B 26 11.81 25.84 7.34
CA PHE B 26 12.70 26.63 8.19
C PHE B 26 12.87 26.05 9.59
N LYS B 27 12.54 24.77 9.78
CA LYS B 27 12.77 24.12 11.07
C LYS B 27 12.91 22.62 10.80
N THR B 28 14.08 22.24 10.29
CA THR B 28 14.34 20.84 9.96
C THR B 28 14.65 20.06 11.23
N VAL B 29 13.96 18.93 11.41
CA VAL B 29 14.23 18.01 12.50
C VAL B 29 15.04 16.87 11.93
N TYR B 30 16.32 16.79 12.32
CA TYR B 30 17.21 15.78 11.77
C TYR B 30 17.03 14.46 12.51
N ARG B 31 17.20 13.36 11.77
CA ARG B 31 16.99 12.04 12.33
C ARG B 31 18.20 11.59 13.13
N ARG B 32 17.94 10.92 14.25
CA ARG B 32 18.98 10.26 15.01
C ARG B 32 19.17 8.84 14.48
N TYR B 33 20.43 8.41 14.43
CA TYR B 33 20.79 7.15 13.79
C TYR B 33 21.55 6.26 14.75
N THR B 34 21.80 5.03 14.31
CA THR B 34 22.55 4.07 15.10
C THR B 34 24.03 4.41 15.08
N ASN B 35 24.67 4.35 16.23
CA ASN B 35 26.10 4.66 16.33
C ASN B 35 26.92 3.62 15.56
N PHE B 36 27.99 4.09 14.93
CA PHE B 36 28.82 3.21 14.11
C PHE B 36 30.16 3.89 13.86
N ALA B 37 31.06 3.14 13.22
CA ALA B 37 32.35 3.65 12.81
C ALA B 37 32.79 2.94 11.54
N ILE B 38 33.58 3.63 10.72
CA ILE B 38 34.06 3.11 9.45
C ILE B 38 35.57 2.95 9.55
N GLU B 39 36.08 1.85 9.01
CA GLU B 39 37.53 1.62 8.97
C GLU B 39 37.86 0.85 7.70
N SER B 40 38.75 1.40 6.88
CA SER B 40 39.23 0.73 5.68
C SER B 40 40.41 -0.16 6.05
N ILE B 41 40.28 -1.46 5.79
CA ILE B 41 41.22 -2.46 6.26
C ILE B 41 41.72 -3.28 5.08
N GLN B 42 43.04 -3.48 5.01
CA GLN B 42 43.64 -4.16 3.87
C GLN B 42 43.43 -5.66 3.95
N GLN B 43 43.24 -6.28 2.78
CA GLN B 43 42.99 -7.71 2.69
C GLN B 43 44.25 -8.46 2.26
N THR B 44 44.21 -9.77 2.44
CA THR B 44 45.27 -10.67 2.00
C THR B 44 44.94 -11.20 0.61
N ILE B 45 45.94 -11.22 -0.27
CA ILE B 45 45.78 -11.68 -1.65
C ILE B 45 46.48 -13.02 -1.79
N ASN B 46 45.72 -14.04 -2.18
CA ASN B 46 46.28 -15.37 -2.43
C ASN B 46 46.59 -15.53 -3.91
N GLY B 47 47.80 -15.98 -4.20
CA GLY B 47 48.28 -16.12 -5.56
C GLY B 47 49.29 -15.06 -5.93
N SER B 48 49.96 -15.29 -7.06
CA SER B 48 51.02 -14.41 -7.53
C SER B 48 50.42 -13.27 -8.35
N VAL B 49 50.70 -12.04 -7.95
CA VAL B 49 50.19 -10.87 -8.65
C VAL B 49 51.05 -10.62 -9.88
N GLY B 50 50.43 -10.66 -11.06
CA GLY B 50 51.14 -10.42 -12.31
C GLY B 50 50.16 -10.39 -13.45
N PHE B 51 50.65 -9.92 -14.60
CA PHE B 51 49.83 -9.87 -15.81
C PHE B 51 49.33 -11.26 -16.17
N GLY B 52 48.03 -11.36 -16.44
CA GLY B 52 47.45 -12.62 -16.83
C GLY B 52 47.27 -13.64 -15.74
N ASN B 53 47.43 -13.24 -14.47
CA ASN B 53 47.35 -14.15 -13.35
C ASN B 53 45.99 -14.05 -12.66
N LYS B 54 45.58 -15.15 -12.04
CA LYS B 54 44.36 -15.19 -11.24
C LYS B 54 44.74 -15.13 -9.76
N VAL B 55 44.15 -14.17 -9.05
CA VAL B 55 44.34 -14.02 -7.61
C VAL B 55 42.97 -13.95 -6.96
N SER B 56 42.93 -14.24 -5.67
CA SER B 56 41.67 -14.28 -4.94
C SER B 56 41.86 -13.67 -3.56
N THR B 57 40.73 -13.36 -2.92
CA THR B 57 40.72 -12.74 -1.60
C THR B 57 39.54 -13.28 -0.81
N GLN B 58 39.81 -13.77 0.39
CA GLN B 58 38.77 -14.13 1.33
C GLN B 58 38.63 -12.99 2.34
N ILE B 59 37.46 -12.36 2.37
CA ILE B 59 37.27 -11.18 3.20
C ILE B 59 37.49 -11.56 4.66
N SER B 60 38.41 -10.86 5.32
CA SER B 60 38.64 -11.09 6.74
C SER B 60 37.49 -10.53 7.56
N ARG B 61 37.31 -11.08 8.75
CA ARG B 61 36.16 -10.75 9.58
C ARG B 61 36.55 -9.78 10.70
N ASN B 62 36.99 -8.60 10.29
CA ASN B 62 37.38 -7.58 11.27
C ASN B 62 36.17 -6.83 11.82
N GLY B 63 35.22 -6.50 10.95
CA GLY B 63 34.05 -5.74 11.38
C GLY B 63 32.76 -6.48 11.18
N ASP B 64 31.63 -5.81 11.41
CA ASP B 64 30.32 -6.43 11.32
C ASP B 64 29.75 -6.39 9.91
N LEU B 65 29.88 -5.27 9.20
CA LEU B 65 29.40 -5.12 7.84
C LEU B 65 30.54 -4.65 6.95
N ILE B 66 30.40 -4.86 5.66
CA ILE B 66 31.36 -4.35 4.68
C ILE B 66 30.61 -3.54 3.63
N THR B 67 31.25 -2.48 3.15
CA THR B 67 30.64 -1.63 2.13
C THR B 67 31.58 -1.49 0.94
N ASP B 68 32.32 -0.38 0.88
CA ASP B 68 33.17 -0.10 -0.26
C ASP B 68 34.38 -1.04 -0.29
N ILE B 69 34.81 -1.36 -1.50
CA ILE B 69 36.02 -2.16 -1.74
C ILE B 69 36.82 -1.49 -2.85
N VAL B 70 38.11 -1.30 -2.61
CA VAL B 70 39.00 -0.62 -3.54
C VAL B 70 40.19 -1.52 -3.83
N VAL B 71 40.54 -1.66 -5.10
CA VAL B 71 41.75 -2.37 -5.52
C VAL B 71 42.80 -1.32 -5.89
N GLU B 72 43.96 -1.40 -5.24
CA GLU B 72 45.06 -0.47 -5.49
C GLU B 72 46.07 -1.11 -6.43
N PHE B 73 46.41 -0.40 -7.50
CA PHE B 73 47.43 -0.83 -8.45
C PHE B 73 48.53 0.22 -8.51
N VAL B 74 49.77 -0.25 -8.61
CA VAL B 74 50.92 0.60 -8.91
C VAL B 74 51.45 0.18 -10.26
N LEU B 75 51.49 1.10 -11.22
CA LEU B 75 51.89 0.82 -12.58
C LEU B 75 52.91 1.86 -13.03
N THR B 76 53.67 1.51 -14.07
CA THR B 76 54.65 2.40 -14.67
C THR B 76 54.37 2.53 -16.15
N LYS B 77 54.31 3.77 -16.64
CA LYS B 77 54.08 4.03 -18.06
C LYS B 77 55.22 3.47 -18.92
N GLY B 78 54.87 3.11 -20.14
CA GLY B 78 55.86 2.71 -21.13
C GLY B 78 55.83 3.61 -22.35
N GLY B 79 54.91 4.57 -22.36
CA GLY B 79 54.77 5.49 -23.47
C GLY B 79 54.55 6.91 -22.95
N ASN B 80 54.35 7.83 -23.90
CA ASN B 80 54.21 9.23 -23.55
C ASN B 80 52.75 9.67 -23.50
N GLY B 81 52.49 10.94 -23.81
CA GLY B 81 51.16 11.49 -23.63
C GLY B 81 50.15 10.84 -24.55
N GLY B 82 48.99 10.52 -23.98
CA GLY B 82 47.91 9.94 -24.75
C GLY B 82 48.13 8.51 -25.20
N THR B 83 49.02 7.77 -24.54
CA THR B 83 49.29 6.39 -24.89
C THR B 83 48.68 5.38 -23.92
N THR B 84 47.84 5.83 -22.99
CA THR B 84 47.10 4.93 -22.11
C THR B 84 45.62 5.32 -22.13
N TYR B 85 44.77 4.32 -21.87
CA TYR B 85 43.33 4.54 -21.83
C TYR B 85 42.74 3.66 -20.74
N TYR B 86 42.52 4.24 -19.56
CA TYR B 86 42.02 3.54 -18.38
C TYR B 86 42.80 2.24 -18.12
N PRO B 87 44.13 2.32 -17.95
CA PRO B 87 44.91 1.07 -17.80
C PRO B 87 44.58 0.31 -16.52
N ALA B 88 44.34 1.02 -15.41
CA ALA B 88 44.00 0.32 -14.17
C ALA B 88 42.67 -0.38 -14.27
N GLU B 89 41.71 0.20 -15.01
CA GLU B 89 40.42 -0.44 -15.21
C GLU B 89 40.56 -1.70 -16.05
N GLU B 90 41.28 -1.60 -17.17
CA GLU B 90 41.49 -2.77 -18.02
C GLU B 90 42.22 -3.89 -17.28
N LEU B 91 43.14 -3.53 -16.38
CA LEU B 91 43.92 -4.54 -15.67
C LEU B 91 43.02 -5.46 -14.86
N LEU B 92 41.95 -4.92 -14.25
CA LEU B 92 40.98 -5.73 -13.52
C LEU B 92 40.02 -6.33 -14.54
N GLN B 93 40.48 -7.41 -15.18
CA GLN B 93 39.74 -7.98 -16.31
C GLN B 93 38.37 -8.50 -15.88
N ASP B 94 38.32 -9.21 -14.76
CA ASP B 94 37.03 -9.67 -14.23
C ASP B 94 37.18 -9.93 -12.75
N VAL B 95 36.06 -9.77 -12.03
CA VAL B 95 36.02 -9.98 -10.58
C VAL B 95 34.71 -10.69 -10.25
N GLU B 96 34.82 -11.79 -9.51
CA GLU B 96 33.68 -12.62 -9.17
C GLU B 96 33.44 -12.56 -7.67
N LEU B 97 32.18 -12.35 -7.27
CA LEU B 97 31.79 -12.31 -5.88
C LEU B 97 31.15 -13.64 -5.50
N GLU B 98 31.64 -14.24 -4.42
CA GLU B 98 31.21 -15.58 -4.01
C GLU B 98 30.91 -15.56 -2.52
N ILE B 99 29.74 -16.10 -2.15
CA ILE B 99 29.33 -16.23 -0.75
C ILE B 99 28.98 -17.69 -0.51
N GLY B 100 29.68 -18.32 0.42
CA GLY B 100 29.43 -19.72 0.74
C GLY B 100 29.60 -20.65 -0.44
N GLY B 101 30.62 -20.41 -1.28
CA GLY B 101 30.86 -21.23 -2.45
C GLY B 101 29.93 -20.97 -3.63
N GLN B 102 28.95 -20.09 -3.48
CA GLN B 102 27.98 -19.80 -4.54
C GLN B 102 28.26 -18.42 -5.13
N ARG B 103 28.30 -18.35 -6.46
CA ARG B 103 28.52 -17.10 -7.15
C ARG B 103 27.31 -16.19 -7.03
N ILE B 104 27.54 -14.96 -6.56
CA ILE B 104 26.49 -13.96 -6.41
C ILE B 104 26.46 -13.00 -7.59
N ASP B 105 27.63 -12.60 -8.09
CA ASP B 105 27.71 -11.68 -9.21
C ASP B 105 29.12 -11.78 -9.79
N LYS B 106 29.26 -11.31 -11.03
CA LYS B 106 30.56 -11.28 -11.69
C LYS B 106 30.59 -10.11 -12.66
N HIS B 107 31.66 -9.32 -12.59
CA HIS B 107 31.83 -8.14 -13.42
C HIS B 107 33.06 -8.30 -14.31
N TYR B 108 33.13 -7.44 -15.32
CA TYR B 108 34.20 -7.48 -16.30
C TYR B 108 34.72 -6.07 -16.53
N ASN B 109 35.94 -5.99 -17.07
CA ASN B 109 36.53 -4.67 -17.33
C ASN B 109 35.69 -3.88 -18.33
N ASP B 110 35.18 -4.55 -19.36
CA ASP B 110 34.35 -3.84 -20.33
C ASP B 110 33.05 -3.35 -19.71
N TRP B 111 32.55 -4.03 -18.68
CA TRP B 111 31.39 -3.52 -17.96
C TRP B 111 31.75 -2.26 -17.18
N PHE B 112 32.93 -2.23 -16.56
CA PHE B 112 33.38 -1.01 -15.88
C PHE B 112 33.43 0.16 -16.85
N ARG B 113 33.90 -0.11 -18.08
CA ARG B 113 33.92 0.93 -19.10
C ARG B 113 32.51 1.36 -19.48
N THR B 114 31.61 0.39 -19.68
CA THR B 114 30.24 0.72 -20.05
C THR B 114 29.50 1.41 -18.92
N TYR B 115 29.70 0.94 -17.68
CA TYR B 115 29.08 1.60 -16.53
C TYR B 115 29.55 3.04 -16.40
N ASP B 116 30.85 3.27 -16.57
CA ASP B 116 31.38 4.62 -16.47
C ASP B 116 30.83 5.51 -17.58
N ALA B 117 30.69 4.96 -18.79
CA ALA B 117 30.19 5.75 -19.91
C ALA B 117 28.72 6.10 -19.76
N LEU B 118 27.97 5.34 -18.96
CA LEU B 118 26.53 5.54 -18.82
C LEU B 118 26.13 6.21 -17.52
N PHE B 119 26.68 5.75 -16.39
CA PHE B 119 26.15 6.13 -15.09
C PHE B 119 27.04 7.07 -14.28
N ARG B 120 28.30 7.25 -14.67
CA ARG B 120 29.11 8.30 -14.09
C ARG B 120 29.06 9.55 -14.96
N MET B 121 29.33 10.70 -14.33
CA MET B 121 29.20 11.97 -15.02
C MET B 121 29.97 13.04 -14.27
N ASN B 122 30.28 14.12 -14.98
CA ASN B 122 30.74 15.39 -14.40
C ASN B 122 32.08 15.17 -13.69
N ASP B 123 32.33 15.90 -12.61
CA ASP B 123 33.61 15.83 -11.91
C ASP B 123 33.86 14.45 -11.32
N ASP B 124 32.80 13.76 -10.88
CA ASP B 124 32.95 12.41 -10.37
C ASP B 124 33.56 11.48 -11.43
N ARG B 125 33.10 11.61 -12.67
CA ARG B 125 33.64 10.78 -13.75
C ARG B 125 35.08 11.14 -14.06
N TYR B 126 35.44 12.42 -13.95
CA TYR B 126 36.83 12.82 -14.14
C TYR B 126 37.70 12.36 -12.98
N ASN B 127 37.19 12.42 -11.75
CA ASN B 127 37.92 11.87 -10.62
C ASN B 127 38.15 10.38 -10.78
N TYR B 128 37.21 9.68 -11.42
CA TYR B 128 37.38 8.24 -11.64
C TYR B 128 38.52 7.96 -12.61
N ARG B 129 38.66 8.78 -13.65
CA ARG B 129 39.79 8.58 -14.55
C ARG B 129 41.11 8.94 -13.89
N ARG B 130 41.11 9.94 -13.01
CA ARG B 130 42.30 10.21 -12.19
C ARG B 130 42.70 8.98 -11.40
N MET B 131 41.72 8.21 -10.94
CA MET B 131 41.96 7.01 -10.14
C MET B 131 42.38 5.82 -10.98
N THR B 132 42.21 5.87 -12.30
CA THR B 132 42.44 4.71 -13.15
C THR B 132 43.32 4.98 -14.36
N ASP B 133 43.85 6.20 -14.51
CA ASP B 133 44.60 6.55 -15.71
C ASP B 133 45.54 7.71 -15.40
N TRP B 134 46.50 7.94 -16.30
CA TRP B 134 47.33 9.13 -16.29
C TRP B 134 46.62 10.23 -17.07
N VAL B 135 46.40 11.38 -16.43
CA VAL B 135 45.64 12.45 -17.07
C VAL B 135 46.40 13.76 -17.08
N ASN B 136 47.72 13.71 -16.87
CA ASN B 136 48.51 14.93 -16.76
C ASN B 136 49.69 14.92 -17.74
N ASN B 137 49.52 14.24 -18.88
CA ASN B 137 50.51 14.25 -19.97
C ASN B 137 51.85 13.68 -19.51
N GLU B 138 51.78 12.66 -18.65
CA GLU B 138 52.99 12.02 -18.12
C GLU B 138 53.76 11.31 -19.23
N LEU B 139 55.06 11.15 -19.00
CA LEU B 139 55.97 10.57 -19.98
C LEU B 139 56.33 9.13 -19.61
N VAL B 140 57.21 8.54 -20.42
CA VAL B 140 57.70 7.19 -20.16
C VAL B 140 58.32 7.11 -18.78
N GLY B 141 57.99 6.05 -18.06
CA GLY B 141 58.58 5.80 -16.76
C GLY B 141 57.83 6.37 -15.59
N ALA B 142 56.80 7.18 -15.83
CA ALA B 142 56.01 7.73 -14.75
C ALA B 142 55.30 6.60 -14.00
N GLN B 143 55.38 6.63 -12.67
CA GLN B 143 54.78 5.62 -11.82
C GLN B 143 53.70 6.28 -10.97
N LYS B 144 52.53 5.66 -10.92
CA LYS B 144 51.37 6.23 -10.26
C LYS B 144 50.58 5.12 -9.58
N ARG B 145 49.97 5.45 -8.44
CA ARG B 145 49.09 4.52 -7.75
C ARG B 145 47.65 4.73 -8.21
N PHE B 146 46.96 3.63 -8.50
CA PHE B 146 45.60 3.68 -9.02
C PHE B 146 44.65 3.02 -8.03
N TYR B 147 43.38 3.43 -8.10
CA TYR B 147 42.34 2.93 -7.20
C TYR B 147 41.13 2.55 -8.04
N VAL B 148 40.83 1.25 -8.10
CA VAL B 148 39.69 0.74 -8.87
C VAL B 148 38.59 0.38 -7.89
N PRO B 149 37.50 1.15 -7.82
CA PRO B 149 36.42 0.82 -6.87
C PRO B 149 35.50 -0.24 -7.44
N LEU B 150 35.21 -1.27 -6.63
CA LEU B 150 34.26 -2.29 -7.04
C LEU B 150 32.83 -1.75 -6.97
N ILE B 151 31.96 -2.31 -7.79
CA ILE B 151 30.60 -1.80 -7.90
C ILE B 151 29.58 -2.94 -7.78
N PHE B 152 29.79 -3.84 -6.82
CA PHE B 152 28.77 -4.81 -6.48
C PHE B 152 27.68 -4.13 -5.64
N PHE B 153 26.64 -4.89 -5.30
CA PHE B 153 25.45 -4.29 -4.67
C PHE B 153 25.81 -3.61 -3.36
N PHE B 154 26.62 -4.27 -2.51
CA PHE B 154 26.98 -3.67 -1.24
C PHE B 154 28.07 -2.62 -1.36
N ASN B 155 28.71 -2.50 -2.53
CA ASN B 155 29.66 -1.42 -2.75
C ASN B 155 28.97 -0.11 -3.10
N GLN B 156 27.73 -0.16 -3.58
CA GLN B 156 27.09 1.02 -4.14
C GLN B 156 26.15 1.73 -3.16
N THR B 157 25.73 1.06 -2.08
CA THR B 157 24.90 1.73 -1.11
C THR B 157 25.10 1.10 0.25
N PRO B 158 25.31 1.91 1.30
CA PRO B 158 25.44 1.33 2.65
C PRO B 158 24.17 0.66 3.13
N GLY B 159 23.02 0.96 2.52
CA GLY B 159 21.78 0.29 2.90
C GLY B 159 21.75 -1.19 2.53
N LEU B 160 22.66 -1.62 1.66
CA LEU B 160 22.80 -3.03 1.31
C LEU B 160 24.12 -3.62 1.81
N ALA B 161 24.72 -3.00 2.83
CA ALA B 161 26.00 -3.46 3.35
C ALA B 161 25.94 -4.93 3.72
N LEU B 162 26.91 -5.70 3.23
CA LEU B 162 26.92 -7.14 3.45
C LEU B 162 27.21 -7.46 4.91
N PRO B 163 26.31 -8.14 5.62
CA PRO B 163 26.54 -8.38 7.05
C PRO B 163 27.40 -9.61 7.32
N LEU B 164 28.71 -9.41 7.43
CA LEU B 164 29.59 -10.51 7.80
C LEU B 164 29.21 -11.12 9.14
N ILE B 165 28.73 -10.29 10.07
CA ILE B 165 28.33 -10.78 11.39
C ILE B 165 27.20 -11.78 11.30
N ALA B 166 26.40 -11.73 10.23
CA ALA B 166 25.30 -12.67 10.02
C ALA B 166 25.68 -13.81 9.07
N LEU B 167 26.95 -13.87 8.66
CA LEU B 167 27.42 -14.94 7.77
C LEU B 167 28.49 -15.77 8.47
N GLN B 168 28.22 -16.19 9.71
CA GLN B 168 29.21 -16.89 10.52
C GLN B 168 29.79 -18.11 9.80
N TYR B 169 28.94 -18.88 9.14
CA TYR B 169 29.33 -20.16 8.57
C TYR B 169 29.59 -20.08 7.06
N HIS B 170 29.62 -18.88 6.50
CA HIS B 170 29.84 -18.69 5.07
C HIS B 170 30.95 -17.68 4.85
N GLU B 171 31.95 -18.05 4.05
CA GLU B 171 33.02 -17.14 3.67
C GLU B 171 32.60 -16.31 2.46
N VAL B 172 33.11 -15.08 2.41
CA VAL B 172 32.88 -14.16 1.30
C VAL B 172 34.20 -14.01 0.55
N LYS B 173 34.21 -14.36 -0.73
CA LYS B 173 35.43 -14.39 -1.51
C LYS B 173 35.29 -13.58 -2.78
N LEU B 174 36.41 -13.02 -3.23
CA LEU B 174 36.53 -12.31 -4.50
C LEU B 174 37.59 -13.00 -5.34
N TYR B 175 37.26 -13.26 -6.61
CA TYR B 175 38.20 -13.89 -7.54
C TYR B 175 38.55 -12.89 -8.64
N PHE B 176 39.83 -12.55 -8.74
CA PHE B 176 40.31 -11.57 -9.71
C PHE B 176 41.09 -12.25 -10.82
N THR B 177 40.85 -11.80 -12.06
CA THR B 177 41.69 -12.14 -13.20
C THR B 177 42.32 -10.85 -13.71
N LEU B 178 43.65 -10.80 -13.72
CA LEU B 178 44.37 -9.63 -14.20
C LEU B 178 44.62 -9.75 -15.69
N ALA B 179 44.50 -8.62 -16.39
CA ALA B 179 44.71 -8.60 -17.83
C ALA B 179 46.15 -8.96 -18.17
N SER B 180 46.35 -9.49 -19.37
CA SER B 180 47.68 -9.87 -19.81
C SER B 180 48.41 -8.74 -20.53
N GLN B 181 47.69 -7.94 -21.33
CA GLN B 181 48.30 -6.89 -22.11
C GLN B 181 47.53 -5.59 -21.88
N VAL B 182 48.24 -4.55 -21.44
CA VAL B 182 47.64 -3.25 -21.17
C VAL B 182 48.39 -2.21 -21.98
N GLN B 183 47.69 -1.53 -22.88
CA GLN B 183 48.30 -0.53 -23.75
C GLN B 183 49.00 0.55 -22.93
N GLY B 184 50.21 0.90 -23.34
CA GLY B 184 50.96 1.95 -22.69
C GLY B 184 51.58 1.59 -21.36
N VAL B 185 51.46 0.34 -20.91
CA VAL B 185 52.04 -0.07 -19.65
C VAL B 185 53.08 -1.15 -19.91
N ASN B 186 52.63 -2.32 -20.39
CA ASN B 186 53.54 -3.40 -20.73
C ASN B 186 53.46 -3.79 -22.20
N TYR B 187 52.57 -3.18 -22.97
CA TYR B 187 52.45 -3.44 -24.40
C TYR B 187 52.15 -2.15 -25.14
N ASN B 188 52.78 -1.99 -26.30
CA ASN B 188 52.50 -0.89 -27.22
C ASN B 188 51.93 -1.51 -28.48
N GLY B 189 50.62 -1.41 -28.66
CA GLY B 189 49.96 -2.16 -29.70
C GLY B 189 50.06 -3.65 -29.41
N SER B 190 50.71 -4.38 -30.30
CA SER B 190 50.97 -5.80 -30.08
C SER B 190 52.41 -6.07 -29.69
N SER B 191 53.28 -5.06 -29.72
CA SER B 191 54.68 -5.21 -29.33
C SER B 191 54.83 -5.01 -27.83
N ALA B 192 55.43 -5.99 -27.16
CA ALA B 192 55.69 -5.86 -25.73
C ALA B 192 56.71 -4.77 -25.47
N ILE B 193 56.56 -4.12 -24.32
CA ILE B 193 57.48 -3.06 -23.89
C ILE B 193 58.56 -3.70 -23.02
N ALA B 194 59.81 -3.58 -23.46
CA ALA B 194 60.92 -4.24 -22.77
C ALA B 194 61.13 -3.65 -21.39
N GLY B 195 61.42 -4.52 -20.41
CA GLY B 195 61.64 -4.09 -19.05
C GLY B 195 60.42 -3.57 -18.34
N ALA B 196 59.22 -3.87 -18.84
CA ALA B 196 58.00 -3.40 -18.20
C ALA B 196 57.82 -4.07 -16.85
N ALA B 197 57.45 -3.28 -15.85
CA ALA B 197 57.33 -3.79 -14.49
C ALA B 197 56.00 -4.51 -14.30
N GLN B 198 56.04 -5.60 -13.54
CA GLN B 198 54.82 -6.28 -13.15
C GLN B 198 53.99 -5.37 -12.24
N PRO B 199 52.68 -5.51 -12.26
CA PRO B 199 51.84 -4.67 -11.39
C PRO B 199 51.95 -5.09 -9.94
N THR B 200 51.64 -4.12 -9.07
CA THR B 200 51.53 -4.35 -7.64
C THR B 200 50.08 -4.12 -7.24
N MET B 201 49.54 -5.02 -6.41
CA MET B 201 48.11 -5.05 -6.12
C MET B 201 47.84 -5.05 -4.62
N SER B 202 46.78 -4.35 -4.22
CA SER B 202 46.32 -4.30 -2.83
C SER B 202 44.80 -4.21 -2.85
N VAL B 203 44.16 -4.88 -1.90
CA VAL B 203 42.70 -4.90 -1.80
C VAL B 203 42.30 -4.36 -0.44
N TRP B 204 41.42 -3.36 -0.44
CA TRP B 204 41.01 -2.67 0.77
C TRP B 204 39.49 -2.71 0.88
N VAL B 205 38.99 -3.10 2.05
CA VAL B 205 37.56 -3.22 2.31
C VAL B 205 37.21 -2.30 3.47
N ASP B 206 36.16 -1.50 3.31
CA ASP B 206 35.67 -0.64 4.38
C ASP B 206 34.70 -1.44 5.23
N TYR B 207 34.96 -1.49 6.54
CA TYR B 207 34.12 -2.21 7.48
C TYR B 207 33.30 -1.24 8.30
N ILE B 208 32.10 -1.68 8.66
CA ILE B 208 31.24 -0.95 9.58
C ILE B 208 31.28 -1.66 10.92
N PHE B 209 31.57 -0.91 11.98
CA PHE B 209 31.53 -1.41 13.34
C PHE B 209 30.26 -0.88 14.01
N LEU B 210 29.40 -1.80 14.44
CA LEU B 210 28.07 -1.46 14.94
C LEU B 210 28.04 -1.46 16.46
N ASP B 211 27.10 -0.70 17.01
CA ASP B 211 26.86 -0.71 18.43
C ASP B 211 26.11 -2.00 18.81
N THR B 212 26.04 -2.26 20.12
CA THR B 212 25.51 -3.54 20.60
C THR B 212 24.08 -3.78 20.15
N GLN B 213 23.23 -2.74 20.20
CA GLN B 213 21.83 -2.89 19.83
C GLN B 213 21.69 -3.46 18.42
N GLU B 214 22.28 -2.78 17.43
CA GLU B 214 22.15 -3.23 16.05
C GLU B 214 22.99 -4.47 15.77
N ARG B 215 24.10 -4.64 16.48
CA ARG B 215 24.93 -5.83 16.31
C ARG B 215 24.14 -7.10 16.61
N THR B 216 23.44 -7.11 17.76
CA THR B 216 22.68 -8.29 18.15
C THR B 216 21.51 -8.54 17.19
N ARG B 217 20.89 -7.47 16.70
CA ARG B 217 19.80 -7.64 15.73
C ARG B 217 20.30 -8.32 14.46
N PHE B 218 21.45 -7.87 13.94
CA PHE B 218 21.99 -8.49 12.73
C PHE B 218 22.33 -9.96 12.95
N ALA B 219 22.79 -10.31 14.16
CA ALA B 219 23.22 -11.67 14.42
C ALA B 219 22.06 -12.62 14.68
N GLN B 220 20.96 -12.13 15.24
CA GLN B 220 19.86 -12.99 15.66
C GLN B 220 18.73 -13.08 14.64
N LEU B 221 18.47 -12.01 13.85
CA LEU B 221 17.31 -12.01 12.97
C LEU B 221 17.66 -12.44 11.56
N PRO B 222 16.70 -13.05 10.86
CA PRO B 222 16.89 -13.31 9.43
C PRO B 222 16.78 -12.02 8.64
N HIS B 223 17.49 -11.99 7.51
CA HIS B 223 17.57 -10.79 6.68
C HIS B 223 17.29 -11.15 5.23
N GLU B 224 16.62 -10.24 4.53
CA GLU B 224 16.41 -10.32 3.09
C GLU B 224 16.92 -9.03 2.46
N TYR B 225 17.75 -9.17 1.42
CA TYR B 225 18.34 -8.04 0.74
C TYR B 225 17.93 -8.06 -0.72
N LEU B 226 17.38 -6.94 -1.20
CA LEU B 226 17.09 -6.77 -2.62
C LEU B 226 18.35 -6.26 -3.28
N ILE B 227 19.03 -7.14 -4.02
CA ILE B 227 20.35 -6.86 -4.56
C ILE B 227 20.25 -6.85 -6.08
N GLU B 228 21.31 -6.36 -6.71
CA GLU B 228 21.43 -6.31 -8.16
C GLU B 228 22.53 -7.25 -8.63
N GLN B 229 22.36 -7.77 -9.85
CA GLN B 229 23.34 -8.63 -10.48
C GLN B 229 23.63 -8.14 -11.89
N LEU B 230 24.74 -8.61 -12.45
CA LEU B 230 25.11 -8.28 -13.81
C LEU B 230 25.05 -9.54 -14.66
N GLN B 231 24.40 -9.44 -15.81
CA GLN B 231 24.35 -10.52 -16.79
C GLN B 231 25.02 -10.07 -18.07
N PHE B 232 25.86 -10.92 -18.65
CA PHE B 232 26.64 -10.56 -19.81
C PHE B 232 26.62 -11.70 -20.83
N THR B 233 26.42 -11.32 -22.09
CA THR B 233 26.51 -12.25 -23.21
C THR B 233 27.32 -11.60 -24.32
N GLY B 234 28.42 -12.25 -24.72
CA GLY B 234 29.29 -11.73 -25.75
C GLY B 234 29.04 -12.41 -27.08
N SER B 235 28.67 -11.61 -28.08
CA SER B 235 28.34 -12.11 -29.41
C SER B 235 29.26 -11.48 -30.44
N GLU B 236 29.25 -12.06 -31.64
CA GLU B 236 30.05 -11.56 -32.76
C GLU B 236 29.17 -10.66 -33.62
N THR B 237 29.63 -9.43 -33.84
CA THR B 237 28.89 -8.49 -34.67
C THR B 237 28.87 -8.97 -36.12
N ALA B 238 27.69 -8.91 -36.73
CA ALA B 238 27.60 -9.21 -38.16
C ALA B 238 28.39 -8.18 -38.95
N THR B 239 29.13 -8.64 -39.95
CA THR B 239 30.01 -7.78 -40.73
C THR B 239 29.19 -6.71 -41.45
N PRO B 240 29.39 -5.43 -41.10
CA PRO B 240 28.68 -4.37 -41.81
C PRO B 240 29.26 -4.18 -43.20
N SER B 241 28.39 -3.87 -44.15
CA SER B 241 28.77 -3.79 -45.55
C SER B 241 28.85 -2.34 -46.00
N ALA B 242 29.74 -2.09 -46.97
CA ALA B 242 29.85 -0.80 -47.62
C ALA B 242 28.91 -0.65 -48.81
N THR B 243 28.13 -1.68 -49.12
CA THR B 243 27.18 -1.64 -50.22
C THR B 243 25.74 -1.88 -49.79
N THR B 244 25.50 -2.41 -48.60
CA THR B 244 24.15 -2.63 -48.12
C THR B 244 24.14 -2.45 -46.61
N GLN B 245 22.93 -2.42 -46.04
CA GLN B 245 22.74 -2.30 -44.60
C GLN B 245 22.53 -3.69 -44.02
N ALA B 246 23.57 -4.22 -43.37
CA ALA B 246 23.46 -5.52 -42.72
C ALA B 246 22.51 -5.45 -41.53
N SER B 247 21.92 -6.59 -41.21
CA SER B 247 21.02 -6.72 -40.06
C SER B 247 21.42 -7.97 -39.28
N GLN B 248 20.88 -8.08 -38.07
CA GLN B 248 21.28 -9.16 -37.18
C GLN B 248 20.30 -9.25 -36.02
N ASN B 249 19.96 -10.48 -35.63
CA ASN B 249 19.12 -10.76 -34.49
C ASN B 249 19.92 -11.57 -33.47
N ILE B 250 19.96 -11.09 -32.23
CA ILE B 250 20.68 -11.76 -31.15
C ILE B 250 19.65 -12.22 -30.13
N ARG B 251 19.62 -13.52 -29.88
CA ARG B 251 18.75 -14.07 -28.85
C ARG B 251 19.29 -13.74 -27.47
N LEU B 252 18.46 -13.11 -26.64
CA LEU B 252 18.86 -12.68 -25.31
C LEU B 252 18.53 -13.76 -24.29
N ASN B 253 19.57 -14.31 -23.66
CA ASN B 253 19.39 -15.31 -22.61
C ASN B 253 19.57 -14.63 -21.26
N PHE B 254 18.52 -13.94 -20.83
CA PHE B 254 18.52 -13.21 -19.58
C PHE B 254 17.39 -13.70 -18.68
N ASN B 255 17.50 -13.37 -17.40
CA ASN B 255 16.51 -13.78 -16.40
C ASN B 255 16.32 -12.65 -15.40
N HIS B 256 15.33 -12.85 -14.52
CA HIS B 256 15.04 -12.00 -13.36
C HIS B 256 14.45 -10.66 -13.77
N PRO B 257 13.83 -9.93 -12.84
CA PRO B 257 13.40 -8.55 -13.13
C PRO B 257 14.60 -7.68 -13.46
N THR B 258 14.63 -7.17 -14.69
CA THR B 258 15.77 -6.46 -15.23
C THR B 258 15.47 -4.98 -15.31
N LYS B 259 16.40 -4.16 -14.82
CA LYS B 259 16.20 -2.71 -14.83
C LYS B 259 16.41 -2.13 -16.23
N TYR B 260 17.43 -2.61 -16.94
CA TYR B 260 17.80 -2.02 -18.22
C TYR B 260 18.69 -2.98 -18.99
N LEU B 261 18.82 -2.71 -20.29
CA LEU B 261 19.81 -3.35 -21.13
C LEU B 261 20.82 -2.29 -21.59
N ALA B 262 22.07 -2.69 -21.69
CA ALA B 262 23.12 -1.81 -22.19
C ALA B 262 24.07 -2.63 -23.04
N TRP B 263 24.40 -2.10 -24.22
CA TRP B 263 25.26 -2.84 -25.15
C TRP B 263 26.20 -1.90 -25.87
N ASN B 264 27.27 -2.48 -26.39
CA ASN B 264 28.26 -1.76 -27.18
C ASN B 264 28.80 -2.68 -28.26
N PHE B 265 29.39 -2.05 -29.28
CA PHE B 265 30.11 -2.73 -30.35
C PHE B 265 31.55 -2.26 -30.23
N ASN B 266 32.45 -3.18 -29.87
CA ASN B 266 33.83 -2.79 -29.62
C ASN B 266 34.79 -3.62 -30.44
N ASN B 267 35.94 -3.01 -30.73
CA ASN B 267 37.03 -3.67 -31.42
C ASN B 267 37.92 -4.28 -30.36
N PRO B 268 38.00 -5.60 -30.26
CA PRO B 268 38.75 -6.22 -29.16
C PRO B 268 40.23 -5.87 -29.15
N THR B 269 40.78 -5.40 -30.28
CA THR B 269 42.19 -5.04 -30.33
C THR B 269 42.48 -3.83 -29.44
N ASN B 270 41.56 -2.89 -29.35
CA ASN B 270 41.78 -1.66 -28.59
C ASN B 270 40.74 -1.56 -27.48
N TYR B 271 41.22 -1.43 -26.25
CA TYR B 271 40.35 -1.40 -25.09
C TYR B 271 39.40 -0.21 -25.13
N GLY B 272 38.11 -0.48 -24.99
CA GLY B 272 37.16 0.60 -24.97
C GLY B 272 36.83 1.25 -26.30
N GLN B 273 37.42 0.79 -27.40
CA GLN B 273 37.10 1.35 -28.71
C GLN B 273 35.69 0.94 -29.10
N TYR B 274 34.73 1.85 -28.91
CA TYR B 274 33.32 1.61 -29.23
C TYR B 274 32.89 2.23 -30.55
N THR B 275 33.77 2.96 -31.22
CA THR B 275 33.46 3.64 -32.47
C THR B 275 34.55 3.35 -33.49
N ALA B 276 34.29 3.74 -34.74
CA ALA B 276 35.24 3.50 -35.82
C ALA B 276 36.37 4.53 -35.77
N LEU B 277 37.59 4.06 -36.03
CA LEU B 277 38.72 4.97 -36.10
C LEU B 277 38.65 5.80 -37.37
N ALA B 278 38.96 7.09 -37.25
CA ALA B 278 38.86 7.98 -38.39
C ALA B 278 39.93 9.07 -38.29
N ASN B 279 40.14 9.74 -39.42
CA ASN B 279 41.17 10.78 -39.54
C ASN B 279 40.62 12.15 -39.13
N ILE B 280 40.07 12.19 -37.92
CA ILE B 280 39.60 13.45 -37.33
C ILE B 280 40.24 13.56 -35.95
N PRO B 281 40.52 14.79 -35.47
CA PRO B 281 41.20 14.97 -34.17
C PRO B 281 40.66 14.09 -33.06
N GLY B 282 41.54 13.27 -32.48
CA GLY B 282 41.19 12.38 -31.40
C GLY B 282 40.66 11.03 -31.80
N ALA B 283 40.54 10.76 -33.10
CA ALA B 283 39.96 9.49 -33.56
C ALA B 283 40.98 8.53 -34.17
N CYS B 284 42.23 8.94 -34.36
CA CYS B 284 43.25 8.02 -34.82
C CYS B 284 44.62 8.57 -34.46
N SER B 285 45.62 7.70 -34.50
CA SER B 285 46.99 8.09 -34.20
C SER B 285 47.47 9.14 -35.19
N GLY B 286 47.92 10.29 -34.66
CA GLY B 286 48.43 11.36 -35.50
C GLY B 286 47.40 11.97 -36.41
N ALA B 287 46.14 12.07 -35.98
CA ALA B 287 45.08 12.56 -36.84
C ALA B 287 45.34 13.99 -37.26
N GLY B 288 45.02 14.29 -38.52
CA GLY B 288 45.24 15.61 -39.08
C GLY B 288 46.67 15.95 -39.41
N THR B 289 47.57 14.97 -39.43
CA THR B 289 48.97 15.19 -39.75
C THR B 289 49.41 14.17 -40.80
N ALA B 290 50.67 14.30 -41.23
CA ALA B 290 51.22 13.38 -42.22
C ALA B 290 51.39 11.97 -41.66
N ALA B 291 51.38 11.81 -40.34
CA ALA B 291 51.52 10.50 -39.71
C ALA B 291 50.18 9.89 -39.34
N ALA B 292 49.08 10.41 -39.89
CA ALA B 292 47.76 9.89 -39.56
C ALA B 292 47.61 8.46 -40.04
N THR B 293 47.04 7.61 -39.19
CA THR B 293 46.78 6.22 -39.53
C THR B 293 45.49 5.79 -38.85
N VAL B 294 44.52 5.35 -39.65
CA VAL B 294 43.24 4.88 -39.10
C VAL B 294 43.31 3.46 -38.59
N THR B 295 44.49 2.82 -38.63
CA THR B 295 44.65 1.49 -38.06
C THR B 295 44.92 1.52 -36.58
N THR B 296 45.38 2.65 -36.05
CA THR B 296 45.78 2.80 -34.66
C THR B 296 45.03 3.99 -34.06
N PRO B 297 44.46 3.85 -32.88
CA PRO B 297 43.72 4.96 -32.28
C PRO B 297 44.61 5.91 -31.51
N ASP B 298 44.07 7.10 -31.24
CA ASP B 298 44.62 8.02 -30.26
C ASP B 298 44.18 7.49 -28.90
N TYR B 299 45.07 6.69 -28.28
CA TYR B 299 44.67 5.89 -27.12
C TYR B 299 44.09 6.75 -26.01
N GLY B 300 44.76 7.86 -25.67
CA GLY B 300 44.26 8.74 -24.62
C GLY B 300 42.89 9.31 -24.91
N ASN B 301 42.48 9.33 -26.17
CA ASN B 301 41.21 9.89 -26.60
C ASN B 301 40.38 8.85 -27.37
N THR B 302 40.36 7.62 -26.85
CA THR B 302 39.69 6.54 -27.57
C THR B 302 38.19 6.79 -27.71
N GLY B 303 37.57 7.38 -26.69
CA GLY B 303 36.15 7.67 -26.76
C GLY B 303 35.83 8.88 -27.63
N THR B 304 34.56 8.98 -28.01
CA THR B 304 34.08 10.12 -28.79
C THR B 304 32.58 10.27 -28.57
N TYR B 305 32.09 11.46 -28.86
CA TYR B 305 30.65 11.74 -28.86
C TYR B 305 30.08 11.82 -30.27
N ASN B 306 30.91 11.66 -31.29
CA ASN B 306 30.50 11.82 -32.68
C ASN B 306 29.69 10.59 -33.12
N GLU B 307 28.37 10.78 -33.26
CA GLU B 307 27.50 9.69 -33.70
C GLU B 307 27.87 9.17 -35.08
N GLN B 308 28.52 10.00 -35.91
CA GLN B 308 28.89 9.56 -37.25
C GLN B 308 29.77 8.33 -37.22
N LEU B 309 30.59 8.17 -36.19
CA LEU B 309 31.53 7.06 -36.08
C LEU B 309 30.92 5.83 -35.41
N ALA B 310 29.65 5.87 -35.02
CA ALA B 310 28.98 4.70 -34.47
C ALA B 310 28.40 3.88 -35.61
N VAL B 311 28.33 2.56 -35.39
CA VAL B 311 27.97 1.64 -36.46
C VAL B 311 26.49 1.27 -36.46
N LEU B 312 25.79 1.41 -35.34
CA LEU B 312 24.41 0.98 -35.25
C LEU B 312 23.50 2.04 -35.86
N ASP B 313 22.71 1.64 -36.86
CA ASP B 313 21.75 2.54 -37.48
C ASP B 313 20.42 2.54 -36.74
N SER B 314 19.87 1.36 -36.46
CA SER B 314 18.59 1.25 -35.78
C SER B 314 18.55 -0.03 -34.97
N ALA B 315 17.61 -0.08 -34.03
CA ALA B 315 17.51 -1.25 -33.16
C ALA B 315 16.13 -1.29 -32.53
N LYS B 316 15.71 -2.50 -32.18
CA LYS B 316 14.49 -2.71 -31.40
C LYS B 316 14.64 -4.02 -30.64
N ILE B 317 13.81 -4.19 -29.63
CA ILE B 317 13.79 -5.39 -28.80
C ILE B 317 12.46 -6.10 -29.02
N GLN B 318 12.49 -7.43 -29.02
CA GLN B 318 11.29 -8.23 -29.19
C GLN B 318 11.11 -9.16 -28.00
N LEU B 319 9.85 -9.29 -27.57
CA LEU B 319 9.45 -10.20 -26.50
C LEU B 319 8.44 -11.18 -27.09
N ASN B 320 8.81 -12.46 -27.17
CA ASN B 320 7.94 -13.52 -27.68
C ASN B 320 7.43 -13.19 -29.08
N GLY B 321 8.32 -12.69 -29.93
CA GLY B 321 7.96 -12.40 -31.30
C GLY B 321 7.22 -11.11 -31.54
N GLN B 322 7.04 -10.28 -30.51
CA GLN B 322 6.33 -9.03 -30.63
C GLN B 322 7.28 -7.86 -30.35
N ASP B 323 7.11 -6.77 -31.10
CA ASP B 323 7.91 -5.58 -30.85
C ASP B 323 7.63 -5.04 -29.45
N ARG B 324 8.67 -4.99 -28.63
CA ARG B 324 8.53 -4.31 -27.33
C ARG B 324 8.35 -2.82 -27.54
N PHE B 325 8.91 -2.26 -28.61
CA PHE B 325 8.72 -0.86 -28.97
C PHE B 325 9.08 -0.70 -30.44
N ALA B 326 8.64 0.42 -31.02
CA ALA B 326 8.93 0.69 -32.41
C ALA B 326 10.42 0.97 -32.61
N THR B 327 10.91 0.62 -33.80
CA THR B 327 12.32 0.77 -34.12
C THR B 327 12.76 2.23 -33.98
N ARG B 328 13.92 2.43 -33.37
CA ARG B 328 14.50 3.76 -33.20
C ARG B 328 15.94 3.73 -33.69
N LYS B 329 16.46 4.92 -34.02
CA LYS B 329 17.83 5.04 -34.45
C LYS B 329 18.78 4.76 -33.28
N GLY B 330 20.01 4.37 -33.63
CA GLY B 330 21.01 4.12 -32.60
C GLY B 330 21.28 5.34 -31.74
N SER B 331 21.15 6.53 -32.32
CA SER B 331 21.35 7.76 -31.57
C SER B 331 20.30 7.96 -30.50
N TYR B 332 19.10 7.39 -30.69
CA TYR B 332 18.07 7.46 -29.67
C TYR B 332 18.50 6.73 -28.39
N PHE B 333 19.04 5.53 -28.55
CA PHE B 333 19.49 4.76 -27.39
C PHE B 333 20.76 5.33 -26.78
N ASN B 334 21.48 6.17 -27.51
CA ASN B 334 22.70 6.77 -26.98
C ASN B 334 22.46 8.13 -26.35
N LYS B 335 21.52 8.92 -26.88
CA LYS B 335 21.26 10.27 -26.40
C LYS B 335 19.97 10.36 -25.56
N VAL B 336 18.86 9.89 -26.11
CA VAL B 336 17.56 10.16 -25.49
C VAL B 336 17.34 9.30 -24.27
N GLN B 337 17.57 7.98 -24.39
CA GLN B 337 17.41 7.10 -23.24
C GLN B 337 18.28 7.53 -22.06
N PRO B 338 19.55 7.91 -22.23
CA PRO B 338 20.27 8.49 -21.08
C PRO B 338 19.71 9.84 -20.64
N TYR B 339 19.28 10.68 -21.58
CA TYR B 339 18.71 11.97 -21.20
C TYR B 339 17.45 11.80 -20.36
N GLN B 340 16.59 10.88 -20.75
CA GLN B 340 15.30 10.72 -20.08
C GLN B 340 15.40 10.05 -18.73
N SER B 341 16.47 9.27 -18.48
CA SER B 341 16.53 8.45 -17.28
C SER B 341 17.81 8.57 -16.48
N ILE B 342 18.87 9.21 -17.00
CA ILE B 342 20.13 9.33 -16.30
C ILE B 342 20.50 10.80 -16.07
N GLY B 343 20.44 11.62 -17.12
CA GLY B 343 20.77 13.01 -16.96
C GLY B 343 22.25 13.32 -16.97
N GLY B 344 23.05 12.54 -17.70
CA GLY B 344 24.45 12.83 -17.89
C GLY B 344 24.77 12.98 -19.36
N VAL B 345 25.88 12.40 -19.82
CA VAL B 345 26.16 12.31 -21.25
C VAL B 345 26.92 11.01 -21.51
N THR B 346 26.53 10.30 -22.56
CA THR B 346 27.13 9.03 -22.90
C THR B 346 27.87 9.12 -24.22
N PRO B 347 29.11 8.68 -24.30
CA PRO B 347 29.85 8.70 -25.56
C PRO B 347 29.18 7.82 -26.61
N ALA B 348 29.45 8.14 -27.87
CA ALA B 348 28.90 7.36 -28.97
C ALA B 348 29.40 5.93 -28.91
N GLY B 349 28.58 5.00 -29.37
CA GLY B 349 28.91 3.60 -29.34
C GLY B 349 28.41 2.85 -28.11
N VAL B 350 27.86 3.55 -27.13
CA VAL B 350 27.27 2.94 -25.95
C VAL B 350 25.78 3.24 -25.95
N TYR B 351 24.97 2.19 -25.82
CA TYR B 351 23.54 2.28 -26.01
C TYR B 351 22.80 1.79 -24.77
N LEU B 352 21.65 2.40 -24.50
CA LEU B 352 20.84 2.06 -23.34
C LEU B 352 19.39 1.91 -23.76
N TYR B 353 18.71 0.92 -23.18
CA TYR B 353 17.26 0.90 -23.12
C TYR B 353 16.86 0.54 -21.70
N SER B 354 16.16 1.45 -21.03
CA SER B 354 15.80 1.29 -19.63
C SER B 354 14.34 0.85 -19.51
N PHE B 355 14.10 -0.17 -18.69
CA PHE B 355 12.76 -0.50 -18.25
C PHE B 355 12.37 0.24 -16.99
N ALA B 356 13.31 0.96 -16.38
CA ALA B 356 13.11 1.67 -15.13
C ALA B 356 13.04 3.17 -15.38
N LEU B 357 12.29 3.86 -14.52
CA LEU B 357 12.29 5.31 -14.54
C LEU B 357 13.64 5.87 -14.15
N LYS B 358 14.31 5.22 -13.20
CA LYS B 358 15.59 5.67 -12.65
C LYS B 358 16.51 4.45 -12.58
N PRO B 359 17.13 4.09 -13.71
CA PRO B 359 17.96 2.86 -13.71
C PRO B 359 19.20 2.97 -12.85
N ALA B 360 19.70 4.17 -12.57
CA ALA B 360 20.86 4.33 -11.69
C ALA B 360 20.49 4.31 -10.22
N GLY B 361 19.20 4.41 -9.88
CA GLY B 361 18.80 4.41 -8.49
C GLY B 361 18.69 3.01 -7.93
N ARG B 362 19.02 2.89 -6.64
CA ARG B 362 18.94 1.58 -5.99
C ARG B 362 17.50 1.16 -5.77
N GLN B 363 16.64 2.09 -5.40
CA GLN B 363 15.22 1.80 -5.25
C GLN B 363 14.67 1.34 -6.59
N PRO B 364 14.04 0.17 -6.68
CA PRO B 364 13.49 -0.28 -7.95
C PRO B 364 12.42 0.67 -8.45
N SER B 365 12.40 0.88 -9.78
CA SER B 365 11.49 1.85 -10.38
C SER B 365 11.04 1.36 -11.75
N GLY B 366 10.75 0.06 -11.85
CA GLY B 366 10.26 -0.50 -13.11
C GLY B 366 11.24 -1.51 -13.67
N THR B 367 10.73 -2.71 -13.95
CA THR B 367 11.53 -3.78 -14.51
C THR B 367 10.68 -4.60 -15.49
N CYS B 368 11.36 -5.39 -16.30
CA CYS B 368 10.74 -6.46 -17.07
C CYS B 368 11.31 -7.78 -16.59
N ASN B 369 10.43 -8.74 -16.29
CA ASN B 369 10.84 -10.02 -15.71
C ASN B 369 11.23 -10.95 -16.86
N PHE B 370 12.52 -11.02 -17.16
CA PHE B 370 13.02 -11.91 -18.20
C PHE B 370 12.87 -13.38 -17.84
N SER B 371 12.57 -13.71 -16.58
CA SER B 371 12.25 -15.08 -16.23
C SER B 371 10.87 -15.49 -16.72
N ARG B 372 10.02 -14.52 -17.07
CA ARG B 372 8.69 -14.78 -17.61
C ARG B 372 8.61 -14.58 -19.11
N ILE B 373 9.75 -14.49 -19.79
CA ILE B 373 9.81 -14.28 -21.23
C ILE B 373 10.50 -15.49 -21.85
N ASP B 374 9.80 -16.17 -22.76
CA ASP B 374 10.38 -17.33 -23.42
C ASP B 374 11.42 -16.92 -24.45
N ASN B 375 11.10 -15.92 -25.28
CA ASN B 375 11.98 -15.48 -26.35
C ASN B 375 12.20 -13.98 -26.23
N ALA B 376 13.46 -13.59 -26.08
CA ALA B 376 13.86 -12.19 -26.09
C ALA B 376 14.94 -12.02 -27.15
N THR B 377 14.77 -11.02 -28.02
CA THR B 377 15.66 -10.82 -29.16
C THR B 377 16.01 -9.34 -29.29
N LEU B 378 17.28 -9.07 -29.56
CA LEU B 378 17.75 -7.73 -29.89
C LEU B 378 17.92 -7.66 -31.40
N SER B 379 17.08 -6.87 -32.06
CA SER B 379 17.11 -6.73 -33.51
C SER B 379 17.93 -5.51 -33.89
N LEU B 380 18.93 -5.70 -34.75
CA LEU B 380 19.90 -4.66 -35.09
C LEU B 380 19.97 -4.46 -36.59
N THR B 381 20.12 -3.20 -37.00
CA THR B 381 20.41 -2.83 -38.38
C THR B 381 21.60 -1.88 -38.37
N TYR B 382 22.59 -2.18 -39.22
CA TYR B 382 23.85 -1.44 -39.20
C TYR B 382 23.91 -0.40 -40.31
N LYS B 383 24.66 0.66 -40.06
CA LYS B 383 24.91 1.67 -41.08
C LYS B 383 25.76 1.08 -42.21
N THR B 384 25.71 1.75 -43.35
CA THR B 384 26.56 1.37 -44.48
C THR B 384 27.92 2.04 -44.28
N CYS B 385 28.92 1.25 -43.89
CA CYS B 385 30.25 1.75 -43.59
C CYS B 385 31.00 1.98 -44.91
N SER B 386 30.64 3.07 -45.59
CA SER B 386 31.19 3.39 -46.89
C SER B 386 31.99 4.69 -46.90
N ILE B 387 32.18 5.34 -45.75
CA ILE B 387 32.91 6.60 -45.70
C ILE B 387 34.40 6.33 -45.67
N ASP B 388 35.16 7.13 -46.43
CA ASP B 388 36.61 7.08 -46.39
C ASP B 388 37.10 7.61 -45.05
N ALA B 389 37.55 6.72 -44.17
CA ALA B 389 37.98 7.12 -42.84
C ALA B 389 39.21 8.02 -42.87
N THR B 390 40.01 7.96 -43.93
CA THR B 390 41.20 8.80 -44.03
C THR B 390 40.88 10.21 -44.48
N SER B 391 39.64 10.50 -44.85
CA SER B 391 39.26 11.81 -45.35
C SER B 391 38.46 12.57 -44.32
N PRO B 392 39.01 13.62 -43.70
CA PRO B 392 38.20 14.42 -42.75
C PRO B 392 37.01 15.09 -43.41
N ALA B 393 37.14 15.49 -44.68
CA ALA B 393 36.01 16.10 -45.38
C ALA B 393 34.86 15.10 -45.53
N ALA B 394 35.18 13.82 -45.73
CA ALA B 394 34.14 12.81 -45.86
C ALA B 394 33.53 12.44 -44.51
N VAL B 395 34.35 12.37 -43.47
CA VAL B 395 33.84 11.98 -42.16
C VAL B 395 32.99 13.11 -41.56
N LEU B 396 33.48 14.34 -41.64
CA LEU B 396 32.80 15.49 -41.05
C LEU B 396 31.66 16.01 -41.91
N GLY B 397 31.43 15.45 -43.10
CA GLY B 397 30.36 15.91 -43.94
C GLY B 397 29.59 14.78 -44.60
N ASN B 398 28.82 14.02 -43.82
CA ASN B 398 28.09 12.88 -44.35
C ASN B 398 26.72 12.78 -43.69
N THR B 399 26.01 11.72 -44.04
CA THR B 399 24.59 11.56 -43.70
C THR B 399 24.42 10.60 -42.51
N GLU B 400 23.16 10.36 -42.16
CA GLU B 400 22.85 9.70 -40.89
C GLU B 400 23.16 8.21 -40.93
N THR B 401 22.84 7.54 -42.04
CA THR B 401 22.85 6.08 -42.10
C THR B 401 24.14 5.50 -42.68
N VAL B 402 25.22 6.29 -42.72
CA VAL B 402 26.52 5.80 -43.16
C VAL B 402 27.55 6.12 -42.08
N THR B 403 28.64 5.35 -42.10
CA THR B 403 29.73 5.54 -41.15
C THR B 403 31.04 5.20 -41.84
N ALA B 404 32.13 5.33 -41.09
CA ALA B 404 33.47 5.11 -41.63
C ALA B 404 33.68 3.63 -41.96
N ASN B 405 34.45 3.38 -43.01
CA ASN B 405 34.68 2.02 -43.45
C ASN B 405 35.46 1.19 -42.43
N THR B 406 36.14 1.84 -41.48
CA THR B 406 36.81 1.13 -40.39
C THR B 406 35.85 0.58 -39.35
N ALA B 407 34.53 0.78 -39.52
CA ALA B 407 33.56 0.22 -38.59
C ALA B 407 33.54 -1.30 -38.62
N THR B 408 34.08 -1.91 -39.67
CA THR B 408 34.15 -3.37 -39.76
C THR B 408 35.02 -3.97 -38.67
N LEU B 409 35.84 -3.16 -38.00
CA LEU B 409 36.67 -3.64 -36.89
C LEU B 409 35.89 -3.81 -35.60
N LEU B 410 34.63 -3.36 -35.54
CA LEU B 410 33.80 -3.49 -34.35
C LEU B 410 33.11 -4.85 -34.36
N THR B 411 33.91 -5.89 -34.14
CA THR B 411 33.45 -7.26 -34.33
C THR B 411 32.81 -7.87 -33.09
N ALA B 412 33.06 -7.31 -31.91
CA ALA B 412 32.54 -7.84 -30.66
C ALA B 412 31.29 -7.07 -30.24
N LEU B 413 30.25 -7.80 -29.86
CA LEU B 413 28.99 -7.23 -29.40
C LEU B 413 28.77 -7.69 -27.97
N ASN B 414 28.78 -6.75 -27.04
CA ASN B 414 28.63 -7.04 -25.62
C ASN B 414 27.28 -6.51 -25.16
N ILE B 415 26.43 -7.40 -24.66
CA ILE B 415 25.11 -7.03 -24.15
C ILE B 415 25.11 -7.27 -22.65
N TYR B 416 24.70 -6.25 -21.90
CA TYR B 416 24.64 -6.32 -20.45
C TYR B 416 23.20 -6.10 -19.98
N ALA B 417 22.85 -6.77 -18.89
CA ALA B 417 21.54 -6.61 -18.26
C ALA B 417 21.74 -6.55 -16.75
N LYS B 418 21.14 -5.56 -16.12
CA LYS B 418 21.19 -5.41 -14.67
C LYS B 418 19.85 -5.80 -14.08
N ASN B 419 19.84 -6.88 -13.30
CA ASN B 419 18.61 -7.44 -12.76
C ASN B 419 18.63 -7.36 -11.24
N TYR B 420 17.48 -7.64 -10.64
CA TYR B 420 17.34 -7.74 -9.19
C TYR B 420 17.31 -9.21 -8.77
N ASN B 421 17.65 -9.45 -7.51
CA ASN B 421 17.56 -10.76 -6.89
C ASN B 421 17.44 -10.55 -5.39
N VAL B 422 17.17 -11.63 -4.68
CA VAL B 422 16.97 -11.60 -3.24
C VAL B 422 18.02 -12.47 -2.58
N LEU B 423 18.83 -11.88 -1.71
CA LEU B 423 19.82 -12.60 -0.91
C LEU B 423 19.27 -12.75 0.50
N ARG B 424 18.92 -13.99 0.87
CA ARG B 424 18.41 -14.29 2.20
C ARG B 424 19.56 -14.76 3.09
N ILE B 425 19.64 -14.18 4.28
CA ILE B 425 20.71 -14.48 5.23
C ILE B 425 20.07 -14.87 6.55
N MET B 426 20.33 -16.09 7.01
CA MET B 426 19.75 -16.59 8.23
C MET B 426 20.61 -17.71 8.77
N SER B 427 20.73 -17.76 10.11
CA SER B 427 21.45 -18.80 10.82
C SER B 427 22.93 -18.86 10.40
N GLY B 428 23.49 -17.71 10.05
CA GLY B 428 24.88 -17.64 9.65
C GLY B 428 25.18 -18.05 8.23
N MET B 429 24.17 -18.18 7.39
CA MET B 429 24.35 -18.64 6.01
C MET B 429 23.57 -17.74 5.06
N GLY B 430 24.14 -17.52 3.88
CA GLY B 430 23.52 -16.72 2.84
C GLY B 430 23.14 -17.57 1.64
N GLY B 431 22.12 -17.11 0.91
CA GLY B 431 21.70 -17.81 -0.29
C GLY B 431 20.78 -16.98 -1.16
N LEU B 432 20.96 -17.06 -2.48
CA LEU B 432 20.09 -16.35 -3.40
C LEU B 432 18.75 -17.05 -3.53
N ALA B 433 17.68 -16.27 -3.55
CA ALA B 433 16.34 -16.85 -3.63
C ALA B 433 16.09 -17.46 -5.00
N TYR B 434 16.58 -16.82 -6.06
CA TYR B 434 16.30 -17.25 -7.43
C TYR B 434 17.60 -17.48 -8.18
N ALA B 435 17.74 -18.64 -8.81
CA ALA B 435 18.88 -18.93 -9.66
C ALA B 435 18.68 -18.45 -11.08
N ASN B 436 17.46 -18.54 -11.59
CA ASN B 436 17.12 -18.07 -12.93
C ASN B 436 15.66 -17.62 -12.98
C2 BGC C . -49.70 -19.06 35.27
C3 BGC C . -50.21 -19.38 36.67
C4 BGC C . -49.13 -20.10 37.45
C5 BGC C . -47.88 -19.25 37.49
C6 BGC C . -46.79 -19.95 38.29
C1 BGC C . -48.35 -18.36 35.32
O2 BGC C . -50.63 -18.23 34.57
O3 BGC C . -51.30 -20.27 36.55
O4 BGC C . -49.57 -20.36 38.78
O5 BGC C . -47.44 -19.08 36.16
O6 BGC C . -45.55 -19.28 38.09
C1 FUC C . -52.58 -19.62 36.75
C2 FUC C . -53.73 -20.60 36.55
C3 FUC C . -53.90 -21.51 37.77
C4 FUC C . -54.13 -20.68 39.01
C5 FUC C . -52.95 -19.73 39.16
C6 FUC C . -53.14 -18.82 40.37
O2 FUC C . -53.54 -21.38 35.37
O3 FUC C . -54.95 -22.46 37.57
O4 FUC C . -55.39 -19.98 38.99
O5 FUC C . -52.72 -18.93 38.00
C1 XYP C . -56.42 -20.35 39.91
C2 XYP C . -57.49 -19.26 39.90
C3 XYP C . -58.67 -19.65 40.78
C4 XYP C . -59.15 -21.07 40.47
C5 XYP C . -57.98 -22.04 40.45
O2 XYP C . -56.93 -18.03 40.37
O3 XYP C . -59.75 -18.73 40.57
O4 XYP C . -60.09 -21.49 41.46
O5 XYP C . -57.00 -21.59 39.51
C1 RM4 C . -61.07 -22.39 40.91
C2 RM4 C . -62.22 -22.11 41.87
C3 RM4 C . -63.27 -23.22 41.78
C4 RM4 C . -62.61 -24.58 41.97
C5 RM4 C . -61.42 -24.74 41.02
C6 RM4 C . -60.71 -26.06 41.26
O2 RM4 C . -61.73 -22.03 43.21
O3 RM4 C . -64.25 -23.02 42.80
O4 RM4 C . -63.56 -25.61 41.71
O5 RM4 C . -60.50 -23.66 41.22
C1 7CV C . -62.28 -20.97 44.02
C2 7CV C . -62.11 -21.23 45.49
C3 7CV C . -60.74 -20.78 45.94
C4 7CV C . -60.52 -19.33 45.53
C5 7CV C . -60.78 -19.19 44.05
C6 7CV C . -60.59 -17.75 43.60
O2 7CV C . -63.09 -20.51 46.21
O3 7CV C . -60.64 -20.90 47.33
O4 7CV C . -59.21 -18.96 45.83
O5 7CV C . -62.08 -19.60 43.76
C24 7CV C . -64.40 -21.03 46.07
C27 7CV C . -60.41 -22.22 47.78
O4 XXR C . -57.10 -25.56 40.18
C4 XXR C . -56.11 -25.43 39.16
C5 XXR C . -54.96 -24.56 39.65
C6 XXR C . -54.24 -25.12 40.84
C3 XXR C . -56.72 -24.81 37.92
O3 XXR C . -57.82 -25.58 37.44
C2 XXR C . -55.65 -24.65 36.85
O2 XXR C . -55.15 -25.93 36.45
C1 XXR C . -54.49 -23.81 37.40
O5 XXR C . -53.98 -24.41 38.60
C1 MAN C . -59.00 -24.77 37.54
C2 MAN C . -60.27 -25.63 37.56
C3 MAN C . -60.46 -26.34 36.24
C4 MAN C . -60.40 -25.30 35.12
C5 MAN C . -59.12 -24.49 35.22
C6 MAN C . -58.99 -23.45 34.11
O2 MAN C . -61.40 -24.78 37.82
O3 MAN C . -61.74 -26.99 36.22
O4 MAN C . -60.48 -25.95 33.83
O5 MAN C . -59.12 -23.82 36.48
O6 MAN C . -57.81 -22.68 34.34
C1 GLA C . -54.67 -21.63 34.50
C2 GLA C . -54.17 -22.63 33.46
C3 GLA C . -53.02 -22.05 32.66
C4 GLA C . -53.40 -20.69 32.09
C5 GLA C . -53.94 -19.79 33.20
C6 GLA C . -54.38 -18.44 32.65
O2 GLA C . -53.74 -23.83 34.13
O3 GLA C . -52.70 -22.94 31.58
O4 GLA C . -54.41 -20.85 31.08
O5 GLA C . -55.04 -20.41 33.85
O6 GLA C . -54.84 -17.61 33.71
C1 XYP C . -49.32 -21.66 39.31
C2 XYP C . -49.39 -21.38 40.80
C3 XYP C . -49.49 -22.68 41.61
C4 XYP C . -50.58 -23.59 41.04
C5 XYP C . -50.44 -23.74 39.53
O2 XYP C . -48.23 -20.65 41.21
O3 XYP C . -49.79 -22.37 42.98
O4 XYP C . -50.50 -24.87 41.66
O5 XYP C . -50.45 -22.45 38.92
C2 BGC D . -41.10 -4.75 35.65
C3 BGC D . -40.96 -3.97 36.96
C4 BGC D . -39.76 -4.46 37.76
C5 BGC D . -38.51 -4.49 36.88
C6 BGC D . -37.34 -5.08 37.65
C1 BGC D . -39.77 -4.83 34.90
O2 BGC D . -42.02 -4.12 34.77
O3 BGC D . -42.14 -4.15 37.76
O4 BGC D . -39.56 -3.65 38.90
O5 BGC D . -38.74 -5.32 35.74
O6 BGC D . -37.70 -6.36 38.17
C1 FUC D . -43.12 -3.16 37.43
C2 FUC D . -44.44 -3.59 38.04
C3 FUC D . -44.28 -3.65 39.56
C4 FUC D . -43.84 -2.27 40.06
C5 FUC D . -42.57 -1.86 39.34
C6 FUC D . -42.11 -0.48 39.78
O2 FUC D . -44.82 -4.87 37.53
O3 FUC D . -45.51 -4.05 40.18
O4 FUC D . -44.89 -1.33 39.84
O5 FUC D . -42.81 -1.85 37.93
C1 XYP D . -45.25 -0.64 41.01
C2 XYP D . -46.29 0.34 40.47
C3 XYP D . -47.05 0.99 41.63
C4 XYP D . -47.58 -0.08 42.57
C5 XYP D . -46.48 -1.05 42.97
O2 XYP D . -45.65 1.35 39.69
O3 XYP D . -48.13 1.76 41.12
O4 XYP D . -48.12 0.55 43.74
O5 XYP D . -45.91 -1.63 41.79
C1 RM4 D . -49.38 0.10 44.14
C2 RM4 D . -49.74 1.20 45.15
C3 RM4 D . -50.86 0.75 46.05
C4 RM4 D . -50.53 -0.60 46.68
C5 RM4 D . -50.12 -1.61 45.61
C6 RM4 D . -49.71 -2.93 46.25
O2 RM4 D . -48.58 1.50 45.93
O3 RM4 D . -51.07 1.72 47.09
O4 RM4 D . -51.67 -1.09 47.40
O5 RM4 D . -49.03 -1.10 44.84
C1 7CV D . -48.48 2.75 46.57
C2 7CV D . -47.66 2.78 47.84
C3 7CV D . -46.23 2.35 47.57
C4 7CV D . -45.65 3.24 46.50
C5 7CV D . -46.53 3.16 45.29
C6 7CV D . -46.02 4.02 44.16
O2 7CV D . -47.63 4.08 48.35
O3 7CV D . -45.46 2.52 48.71
O4 7CV D . -44.37 2.77 46.17
O5 7CV D . -47.84 3.57 45.63
C24 7CV D . -47.75 4.15 49.74
C27 7CV D . -44.70 1.40 49.07
O4 XXR D . -46.77 -4.26 44.54
C4 XXR D . -46.32 -5.07 43.45
C5 XXR D . -44.94 -4.61 42.99
C6 XXR D . -43.89 -4.73 44.06
C3 XXR D . -47.29 -4.99 42.29
O3 XXR D . -48.60 -5.43 42.69
C2 XXR D . -46.79 -5.84 41.13
O2 XXR D . -46.74 -7.21 41.51
C1 XXR D . -45.39 -5.38 40.75
O5 XXR D . -44.51 -5.44 41.88
C1 MAN D . -49.53 -4.35 42.48
C2 MAN D . -50.81 -4.62 43.28
C3 MAN D . -51.52 -5.85 42.71
C4 MAN D . -51.73 -5.69 41.21
C5 MAN D . -50.39 -5.36 40.55
C6 MAN D . -50.58 -5.17 39.04
O2 MAN D . -51.67 -3.48 43.19
O3 MAN D . -52.78 -6.01 43.36
O4 MAN D . -52.25 -6.91 40.67
O5 MAN D . -49.89 -4.16 41.12
O6 MAN D . -49.36 -4.66 38.47
C1 GLA D . -46.21 -5.03 37.20
C2 GLA D . -46.31 -6.52 36.87
C3 GLA D . -45.66 -6.82 35.53
C4 GLA D . -46.20 -5.88 34.45
C5 GLA D . -46.09 -4.43 34.92
C6 GLA D . -46.68 -3.48 33.87
O2 GLA D . -45.68 -7.28 37.89
O3 GLA D . -45.93 -8.17 35.15
O4 GLA D . -47.56 -6.20 34.18
O5 GLA D . -46.79 -4.27 36.15
O6 GLA D . -45.98 -3.64 32.63
C1 XYP D . -39.62 -4.40 40.14
C2 XYP D . -39.14 -3.50 41.26
C3 XYP D . -39.11 -4.27 42.58
C4 XYP D . -40.44 -4.97 42.82
C5 XYP D . -40.87 -5.75 41.58
O2 XYP D . -37.84 -3.00 40.96
O3 XYP D . -38.84 -3.36 43.65
O4 XYP D . -40.32 -5.85 43.94
O5 XYP D . -40.92 -4.87 40.46
C2 BGC E . -41.39 -29.30 27.95
C3 BGC E . -42.44 -30.44 27.96
C4 BGC E . -43.79 -29.87 27.59
C5 BGC E . -43.70 -29.23 26.21
C6 BGC E . -45.04 -28.65 25.79
C1 BGC E . -41.41 -28.61 26.57
O2 BGC E . -40.11 -29.86 28.22
O3 BGC E . -42.54 -30.98 29.30
O4 BGC E . -44.75 -30.93 27.55
O5 BGC E . -42.72 -28.18 26.23
O6 BGC E . -45.43 -27.60 26.67
C1 FUC E . -42.04 -32.24 29.46
C2 FUC E . -42.03 -32.75 30.91
C3 FUC E . -43.40 -33.32 31.25
C4 FUC E . -43.80 -34.42 30.26
C5 FUC E . -43.67 -33.91 28.82
C6 FUC E . -43.94 -35.02 27.82
O2 FUC E . -41.72 -31.70 31.82
O3 FUC E . -43.47 -33.78 32.61
O4 FUC E . -43.01 -35.61 30.47
O5 FUC E . -42.36 -33.35 28.58
O4 XXR E . -46.89 -36.00 35.08
C4 XXR E . -46.32 -34.72 34.79
C5 XXR E . -46.45 -34.41 33.31
C6 XXR E . -47.88 -34.34 32.82
C3 XXR E . -44.86 -34.69 35.19
O3 XXR E . -44.72 -34.94 36.59
C2 XXR E . -44.26 -33.34 34.84
O2 XXR E . -44.88 -32.31 35.61
C1 XXR E . -44.47 -33.04 33.36
O5 XXR E . -45.87 -33.12 33.04
C1 MAN E . -43.92 -36.13 36.70
C2 MAN E . -44.07 -36.73 38.09
C3 MAN E . -43.57 -35.72 39.13
C4 MAN E . -42.15 -35.31 38.78
C5 MAN E . -42.08 -34.83 37.33
C6 MAN E . -40.66 -34.43 36.94
O2 MAN E . -43.31 -37.94 38.15
O3 MAN E . -43.64 -36.29 40.45
O4 MAN E . -41.72 -34.26 39.66
O5 MAN E . -42.53 -35.88 36.48
O6 MAN E . -40.56 -34.23 35.53
C1 GLA E . -41.13 -32.03 33.07
C2 GLA E . -40.92 -30.76 33.88
C3 GLA E . -40.10 -29.75 33.10
C4 GLA E . -38.83 -30.39 32.57
C5 GLA E . -39.15 -31.68 31.82
C6 GLA E . -37.88 -32.36 31.34
O2 GLA E . -42.19 -30.19 34.23
O3 GLA E . -39.76 -28.64 33.94
O4 GLA E . -37.95 -30.68 33.66
O5 GLA E . -39.87 -32.57 32.68
O6 GLA E . -38.22 -33.56 30.62
C1 XYP E . -43.70 -36.77 31.00
C2 XYP E . -42.79 -37.98 30.88
C3 XYP E . -43.54 -39.21 31.39
C4 XYP E . -44.06 -38.98 32.80
C5 XYP E . -44.87 -37.68 32.85
O2 XYP E . -42.39 -38.16 29.52
O3 XYP E . -42.66 -40.33 31.42
O4 XYP E . -44.81 -40.12 33.26
O5 XYP E . -44.05 -36.61 32.38
C1 XYP E . -45.95 -30.53 28.20
C2 XYP E . -46.92 -31.58 27.65
C3 XYP E . -48.20 -31.62 28.48
C4 XYP E . -47.88 -31.71 29.97
C5 XYP E . -46.87 -30.65 30.37
O2 XYP E . -47.23 -31.28 26.28
O3 XYP E . -48.97 -32.77 28.08
O4 XYP E . -49.08 -31.52 30.71
O5 XYP E . -45.69 -30.79 29.57
C2 BGC F . -51.89 -20.86 23.55
C3 BGC F . -52.76 -20.89 24.81
C4 BGC F . -52.74 -22.23 25.52
C5 BGC F . -51.33 -22.78 25.62
C6 BGC F . -51.39 -24.22 26.12
C1 BGC F . -50.54 -21.45 23.86
O2 BGC F . -51.72 -19.50 23.13
O3 BGC F . -54.13 -20.65 24.43
O4 BGC F . -53.23 -22.08 26.86
O5 BGC F . -50.69 -22.78 24.36
O6 BGC F . -52.15 -25.01 25.21
C1 FUC F . -54.54 -19.34 24.84
C2 FUC F . -55.84 -19.03 24.11
C3 FUC F . -56.87 -20.11 24.46
C4 FUC F . -57.02 -20.22 25.96
C5 FUC F . -55.67 -20.35 26.66
C6 FUC F . -55.82 -20.30 28.17
O2 FUC F . -55.64 -19.01 22.70
O3 FUC F . -58.13 -19.77 23.87
O4 FUC F . -57.71 -19.06 26.45
O5 FUC F . -54.78 -19.32 26.24
C2 BGC G . 44.95 12.28 -43.86
C3 BGC G . 45.98 13.27 -44.43
C4 BGC G . 45.36 14.65 -44.52
C5 BGC G . 44.82 15.09 -43.16
C6 BGC G . 44.16 16.45 -43.27
C1 BGC G . 44.36 12.84 -42.54
O2 BGC G . 45.57 11.01 -43.65
O3 BGC G . 46.41 12.92 -45.79
O4 BGC G . 46.32 15.60 -45.00
O5 BGC G . 43.85 14.15 -42.72
O6 BGC G . 43.48 16.74 -42.06
C1 FUC G . 47.75 12.37 -45.89
C2 FUC G . 48.04 11.80 -47.27
C3 FUC G . 48.44 12.93 -48.22
C4 FUC G . 49.60 13.76 -47.66
C5 FUC G . 49.30 14.19 -46.20
C6 FUC G . 50.51 14.88 -45.58
O2 FUC G . 46.90 11.12 -47.80
O3 FUC G . 48.71 12.46 -49.54
O4 FUC G . 50.86 13.04 -47.76
O5 FUC G . 48.92 13.05 -45.40
C1 XYP G . 51.94 13.55 -48.54
C2 XYP G . 53.17 12.73 -48.19
C3 XYP G . 54.30 13.03 -49.16
C4 XYP G . 53.82 12.89 -50.60
C5 XYP G . 52.52 13.66 -50.82
O2 XYP G . 53.59 13.05 -46.85
O3 XYP G . 55.39 12.14 -48.92
O4 XYP G . 54.83 13.37 -51.49
O5 XYP G . 51.55 13.21 -49.87
C1 RM4 G . 54.86 12.64 -52.72
C2 RM4 G . 56.33 12.85 -53.05
C3 RM4 G . 56.59 12.55 -54.52
C4 RM4 G . 55.62 13.34 -55.40
C5 RM4 G . 54.19 13.12 -54.94
C6 RM4 G . 53.22 13.96 -55.77
O2 RM4 G . 56.69 14.22 -52.77
O3 RM4 G . 57.94 12.91 -54.85
O4 RM4 G . 55.77 12.92 -56.76
O5 RM4 G . 54.06 13.47 -53.56
C1 7CV G . 58.03 14.32 -52.30
C2 7CV G . 58.58 15.71 -52.53
C3 7CV G . 58.04 16.66 -51.48
C4 7CV G . 58.34 16.10 -50.11
C5 7CV G . 57.80 14.68 -50.01
C6 7CV G . 58.10 14.08 -48.66
O2 7CV G . 59.98 15.69 -52.46
O3 7CV G . 58.63 17.92 -51.62
O4 7CV G . 57.71 16.90 -49.13
O5 7CV G . 58.39 13.89 -51.01
C24 7CV G . 60.61 15.11 -53.58
C27 7CV G . 57.91 18.81 -52.43
O4 XXR G . 50.15 14.59 -53.42
C4 XXR G . 48.99 14.09 -52.75
C5 XXR G . 48.80 14.81 -51.42
C6 XXR G . 48.59 16.29 -51.56
C3 XXR G . 49.12 12.60 -52.49
O3 XXR G . 49.35 11.88 -53.70
C2 XXR G . 47.87 12.09 -51.78
O2 XXR G . 46.73 12.28 -52.61
C1 XXR G . 47.68 12.88 -50.48
O5 XXR G . 47.62 14.28 -50.75
C1 MAN G . 50.64 11.25 -53.57
C2 MAN G . 51.22 10.85 -54.93
C3 MAN G . 50.39 9.74 -55.56
C4 MAN G . 50.24 8.60 -54.57
C5 MAN G . 49.69 9.12 -53.25
C6 MAN G . 49.50 8.01 -52.23
O2 MAN G . 52.56 10.39 -54.74
O3 MAN G . 51.07 9.26 -56.72
O4 MAN G . 49.35 7.61 -55.10
O5 MAN G . 50.61 10.10 -52.74
O6 MAN G . 48.94 8.57 -51.02
C1 GLA G . 47.18 9.86 -48.44
C2 GLA G . 45.85 9.35 -48.99
C3 GLA G . 44.91 8.98 -47.83
C4 GLA G . 45.60 8.01 -46.88
C5 GLA G . 46.94 8.59 -46.43
C6 GLA G . 47.69 7.61 -45.54
O2 GLA G . 45.22 10.37 -49.76
O3 GLA G . 43.72 8.38 -48.34
O4 GLA G . 45.82 6.77 -47.56
O5 GLA G . 47.74 8.89 -47.57
O6 GLA G . 49.01 8.12 -45.30
C1 XYP G . 45.98 16.44 -46.12
C2 XYP G . 46.84 17.69 -45.99
C3 XYP G . 46.49 18.71 -47.06
C4 XYP G . 46.54 18.05 -48.44
C5 XYP G . 45.78 16.73 -48.44
O2 XYP G . 46.66 18.27 -44.69
O3 XYP G . 47.41 19.80 -47.00
O4 XYP G . 45.98 18.94 -49.41
O5 XYP G . 46.27 15.88 -47.40
C2 BGC H . 45.70 13.34 -27.21
C3 BGC H . 46.56 14.40 -26.55
C4 BGC H . 45.84 15.72 -26.57
C5 BGC H . 44.51 15.59 -25.86
C6 BGC H . 43.75 16.90 -25.80
C1 BGC H . 44.31 13.35 -26.59
O2 BGC H . 46.25 12.05 -26.95
O3 BGC H . 47.78 14.57 -27.29
O4 BGC H . 46.64 16.70 -25.92
O5 BGC H . 43.71 14.64 -26.58
O6 BGC H . 43.41 17.33 -27.12
C1 FUC H . 48.81 13.63 -26.92
C2 FUC H . 49.89 13.65 -27.99
C3 FUC H . 50.52 15.04 -28.04
C4 FUC H . 51.08 15.37 -26.66
C5 FUC H . 49.97 15.23 -25.62
C6 FUC H . 50.49 15.52 -24.22
O2 FUC H . 49.31 13.32 -29.27
O3 FUC H . 51.54 15.11 -29.04
O4 FUC H . 52.17 14.48 -26.37
O5 FUC H . 49.43 13.92 -25.67
C1 XYP H . 53.34 15.17 -26.01
C2 XYP H . 54.30 14.04 -25.67
C3 XYP H . 55.70 14.59 -25.48
C4 XYP H . 56.10 15.43 -26.69
C5 XYP H . 55.03 16.47 -26.99
O2 XYP H . 53.87 13.39 -24.46
O3 XYP H . 56.62 13.50 -25.34
O4 XYP H . 57.35 16.09 -26.42
O5 XYP H . 53.79 15.80 -27.20
C1 RM4 H . 58.32 16.05 -27.44
C2 RM4 H . 59.59 16.43 -26.68
C3 RM4 H . 60.69 16.84 -27.64
C4 RM4 H . 60.18 17.92 -28.59
C5 RM4 H . 58.86 17.50 -29.24
C6 RM4 H . 58.32 18.60 -30.12
O2 RM4 H . 59.31 17.50 -25.78
O3 RM4 H . 61.81 17.34 -26.91
O4 RM4 H . 61.15 18.18 -29.60
O5 RM4 H . 57.91 17.15 -28.24
C1 7CV H . 60.09 17.64 -24.58
C2 7CV H . 60.14 19.13 -24.42
C3 7CV H . 58.78 19.65 -23.99
C4 7CV H . 58.32 18.91 -22.75
C5 7CV H . 58.37 17.42 -23.01
C6 7CV H . 57.90 16.59 -21.84
O2 7CV H . 61.09 19.46 -23.43
O3 7CV H . 58.87 21.02 -23.71
O4 7CV H . 57.01 19.30 -22.44
O5 7CV H . 59.67 17.05 -23.38
C24 7CV H . 61.83 20.63 -23.71
C27 7CV H . 57.93 21.81 -24.41
O4 XXR H . 54.61 18.28 -30.10
C4 XXR H . 53.36 17.72 -30.52
C5 XXR H . 52.33 17.85 -29.42
C6 XXR H . 52.02 19.27 -29.03
C3 XXR H . 53.55 16.26 -30.90
O3 XXR H . 54.49 16.13 -31.95
C2 XXR H . 52.20 15.66 -31.31
O2 XXR H . 51.73 16.29 -32.49
C1 XXR H . 51.19 15.87 -30.19
O5 XXR H . 51.08 17.26 -29.87
C1 MAN H . 55.63 15.30 -31.47
C2 MAN H . 56.81 15.43 -32.42
C3 MAN H . 56.46 14.84 -33.78
C4 MAN H . 55.94 13.42 -33.60
C5 MAN H . 54.80 13.40 -32.59
C6 MAN H . 54.27 11.99 -32.38
O2 MAN H . 57.95 14.77 -31.87
O3 MAN H . 57.62 14.84 -34.62
O4 MAN H . 55.49 12.91 -34.85
O5 MAN H . 55.30 13.92 -31.35
O6 MAN H . 53.26 12.00 -31.36
C1 GLA H . 50.08 12.43 -30.09
C2 GLA H . 49.31 12.42 -31.41
C3 GLA H . 48.01 11.64 -31.26
C4 GLA H . 48.29 10.26 -30.68
C5 GLA H . 49.11 10.37 -29.40
C6 GLA H . 49.45 9.01 -28.83
O2 GLA H . 49.01 13.78 -31.79
O3 GLA H . 47.39 11.50 -32.55
O4 GLA H . 48.99 9.46 -31.63
O5 GLA H . 50.32 11.08 -29.68
O6 GLA H . 48.23 8.29 -28.56
C1 XYP H . 46.92 17.91 -26.61
C2 XYP H . 47.48 18.80 -25.50
C3 XYP H . 47.94 20.14 -26.06
C4 XYP H . 48.83 19.95 -27.28
C5 XYP H . 48.20 18.99 -28.28
O2 XYP H . 46.47 19.01 -24.51
O3 XYP H . 48.66 20.85 -25.05
O4 XYP H . 49.07 21.22 -27.90
O5 XYP H . 47.90 17.76 -27.63
C2 BGC I . 30.73 12.08 -48.03
C3 BGC I . 30.96 11.88 -49.53
C4 BGC I . 31.97 10.77 -49.75
C5 BGC I . 31.46 9.50 -49.10
C6 BGC I . 32.44 8.35 -49.31
C1 BGC I . 30.36 10.73 -47.38
O2 BGC I . 29.67 13.02 -47.84
O3 BGC I . 31.53 13.08 -50.11
O4 BGC I . 32.19 10.57 -51.15
O5 BGC I . 31.30 9.71 -47.70
O6 BGC I . 33.62 8.60 -48.55
C1 FUC I . 30.67 13.78 -51.06
C2 FUC I . 31.17 15.14 -51.54
C3 FUC I . 32.01 14.96 -52.80
C4 FUC I . 31.30 14.13 -53.85
C5 FUC I . 30.75 12.82 -53.26
C6 FUC I . 29.93 12.06 -54.29
O2 FUC I . 31.98 15.74 -50.53
O3 FUC I . 32.45 16.19 -53.35
O4 FUC I . 30.26 14.89 -54.51
O5 FUC I . 29.95 13.08 -52.10
C1 XYP I . 30.51 15.25 -55.88
C2 XYP I . 29.24 15.89 -56.41
C3 XYP I . 29.44 16.33 -57.86
C4 XYP I . 30.69 17.19 -57.98
C5 XYP I . 31.88 16.50 -57.32
O2 XYP I . 28.16 14.94 -56.35
O3 XYP I . 28.29 17.08 -58.29
O4 XYP I . 30.97 17.43 -59.36
O5 XYP I . 31.56 16.22 -55.96
C1 RM4 I . 31.03 18.84 -59.55
C2 RM4 I . 30.37 19.17 -60.88
C3 RM4 I . 30.63 20.62 -61.25
C4 RM4 I . 32.12 20.92 -61.18
C5 RM4 I . 32.70 20.49 -59.85
C6 RM4 I . 34.21 20.72 -59.81
O2 RM4 I . 30.90 18.31 -61.90
O3 RM4 I . 30.15 20.87 -62.58
O4 RM4 I . 32.32 22.33 -61.37
O5 RM4 I . 32.43 19.11 -59.62
C1 7CV I . 29.86 17.85 -62.77
C2 7CV I . 30.36 17.32 -64.09
C3 7CV I . 30.79 15.88 -63.93
C4 7CV I . 29.66 15.08 -63.33
C5 7CV I . 29.20 15.73 -62.04
C6 7CV I . 28.07 14.99 -61.36
O2 7CV I . 29.32 17.39 -65.04
O3 7CV I . 31.12 15.35 -65.19
O4 7CV I . 30.09 13.76 -63.06
O5 7CV I . 28.80 17.05 -62.31
C24 7CV I . 29.39 18.54 -65.86
C27 7CV I . 30.01 14.91 -65.95
O4 XXR I . 35.26 17.05 -57.03
C4 XXR I . 35.26 16.82 -55.62
C5 XXR I . 34.68 15.46 -55.31
C6 XXR I . 35.47 14.32 -55.91
C3 XXR I . 34.43 17.89 -54.92
O3 XXR I . 34.97 19.18 -55.16
C2 XXR I . 34.40 17.62 -53.42
O2 XXR I . 35.70 17.72 -52.87
C1 XXR I . 33.87 16.20 -53.17
O5 XXR I . 34.67 15.25 -53.87
C1 MAN I . 33.86 19.95 -55.71
C2 MAN I . 34.33 21.23 -56.40
C3 MAN I . 34.91 22.20 -55.38
C4 MAN I . 33.91 22.44 -54.26
C5 MAN I . 33.46 21.11 -53.68
C6 MAN I . 32.41 21.30 -52.60
O2 MAN I . 33.19 21.81 -57.07
O3 MAN I . 35.27 23.45 -55.99
O4 MAN I . 34.51 23.25 -53.23
O5 MAN I . 32.89 20.32 -54.73
O6 MAN I . 31.85 20.04 -52.23
C1 GLA I . 31.80 17.17 -50.48
C2 GLA I . 32.67 17.54 -49.29
C3 GLA I . 32.09 16.99 -48.00
C4 GLA I . 30.62 17.38 -47.88
C5 GLA I . 29.86 17.02 -49.14
C6 GLA I . 28.40 17.46 -49.04
O2 GLA I . 33.99 17.02 -49.49
O3 GLA I . 32.82 17.50 -46.89
O4 GLA I . 30.53 18.80 -47.65
O5 GLA I . 30.47 17.63 -50.26
O6 GLA I . 27.70 17.06 -50.23
C1 XYP I . 33.61 10.47 -51.46
C2 XYP I . 33.48 9.71 -52.78
C3 XYP I . 34.81 9.75 -53.55
C4 XYP I . 35.32 11.19 -53.66
C5 XYP I . 35.33 11.86 -52.29
O2 XYP I . 33.12 8.36 -52.54
O3 XYP I . 34.62 9.21 -54.86
O4 XYP I . 36.64 11.18 -54.21
O5 XYP I . 34.03 11.80 -51.72
C2 BGC J . 40.03 1.60 -45.92
C3 BGC J . 41.30 2.28 -46.45
C4 BGC J . 41.03 3.20 -47.63
C5 BGC J . 39.80 4.07 -47.40
C6 BGC J . 39.44 4.79 -48.69
C1 BGC J . 38.93 2.64 -45.76
O2 BGC J . 40.31 1.02 -44.65
O3 BGC J . 42.21 1.28 -46.92
O4 BGC J . 42.13 4.10 -47.81
O5 BGC J . 38.69 3.27 -47.00
O6 BGC J . 39.16 3.83 -49.71
C1 FUC J . 43.29 1.09 -45.99
C2 FUC J . 43.92 -0.27 -46.29
C3 FUC J . 44.42 -0.28 -47.72
C4 FUC J . 45.35 0.91 -47.97
C5 FUC J . 44.72 2.21 -47.50
C6 FUC J . 45.68 3.38 -47.62
O2 FUC J . 42.97 -1.33 -46.12
O3 FUC J . 45.12 -1.50 -47.99
O4 FUC J . 46.58 0.69 -47.25
O5 FUC J . 44.28 2.10 -46.15
HG HG K . -22.78 -11.30 0.13
HG HG L . -47.48 -22.47 17.42
HG HG M . 32.82 -1.38 -44.78
HG HG N . 11.43 -7.15 -21.74
#